data_6F08
#
_entry.id   6F08
#
_cell.length_a   67.059
_cell.length_b   93.140
_cell.length_c   74.519
_cell.angle_alpha   90.00
_cell.angle_beta   92.93
_cell.angle_gamma   90.00
#
_symmetry.space_group_name_H-M   'P 1 21 1'
#
loop_
_entity.id
_entity.type
_entity.pdbx_description
1 polymer '14-3-3 protein zeta/delta'
2 polymer 'Son of sevenless homolog 1'
3 non-polymer 'PENTAETHYLENE GLYCOL'
4 water water
#
loop_
_entity_poly.entity_id
_entity_poly.type
_entity_poly.pdbx_seq_one_letter_code
_entity_poly.pdbx_strand_id
1 'polypeptide(L)'
;MDKNELVQKAKLAEQAERYDDMAACMKSVTEQGAELSNEERNLLSVAYKNVVGARRSSWRVVSSIEQKTEGAEKKQQMAR
EYREKIETELRDICNDVLSLLEKFLIPNASQAESKVFYLKMKGDYYRYLAEVAAGDDKKGIVDQSQQAYQEAFEISKKEM
QPTHPIRLGLALNFSVFYYEILNSPEKACSLAKTAFDEAIAELDTLSEESYKDSTLIMQLLRDNLTLWTS
;
A,B,I,J
2 'polypeptide(L)' PRRRPE(SEP)APAESS D,K,N,Q
#
loop_
_chem_comp.id
_chem_comp.type
_chem_comp.name
_chem_comp.formula
1PE non-polymer 'PENTAETHYLENE GLYCOL' 'C10 H22 O6'
#
# COMPACT_ATOMS: atom_id res chain seq x y z
N MET A 1 9.85 24.24 -26.20
CA MET A 1 10.78 24.41 -25.04
C MET A 1 11.79 23.27 -24.96
N ASP A 2 12.90 23.54 -24.28
CA ASP A 2 13.98 22.56 -24.08
C ASP A 2 13.53 21.38 -23.22
N LYS A 3 13.87 20.19 -23.67
CA LYS A 3 13.62 18.95 -22.94
C LYS A 3 14.07 19.10 -21.50
N ASN A 4 15.31 19.58 -21.29
CA ASN A 4 15.87 19.72 -19.94
C ASN A 4 15.10 20.64 -19.03
N GLU A 5 14.64 21.76 -19.60
CA GLU A 5 13.72 22.67 -18.90
C GLU A 5 12.42 22.00 -18.52
N LEU A 6 11.82 21.31 -19.49
CA LEU A 6 10.52 20.65 -19.26
C LEU A 6 10.68 19.56 -18.15
N VAL A 7 11.72 18.74 -18.24
CA VAL A 7 11.99 17.73 -17.22
C VAL A 7 12.28 18.35 -15.83
N GLN A 8 13.11 19.38 -15.74
CA GLN A 8 13.27 20.02 -14.44
C GLN A 8 11.95 20.62 -13.88
N LYS A 9 11.15 21.20 -14.79
CA LYS A 9 9.84 21.75 -14.41
C LYS A 9 8.88 20.67 -13.93
N ALA A 10 8.89 19.50 -14.60
CA ALA A 10 8.11 18.36 -14.18
C ALA A 10 8.51 17.87 -12.79
N LYS A 11 9.81 17.92 -12.46
CA LYS A 11 10.27 17.45 -11.21
C LYS A 11 9.84 18.41 -10.11
N LEU A 12 9.86 19.68 -10.42
CA LEU A 12 9.35 20.71 -9.47
C LEU A 12 7.87 20.54 -9.16
N ALA A 13 7.09 20.41 -10.23
CA ALA A 13 5.67 20.15 -10.13
C ALA A 13 5.30 18.92 -9.29
N GLU A 14 6.12 17.85 -9.42
CA GLU A 14 5.95 16.60 -8.72
C GLU A 14 6.11 16.83 -7.20
N GLN A 15 7.17 17.47 -6.83
CA GLN A 15 7.35 17.87 -5.46
C GLN A 15 6.22 18.80 -4.92
N ALA A 16 5.71 19.69 -5.75
CA ALA A 16 4.67 20.60 -5.35
C ALA A 16 3.27 19.96 -5.40
N GLU A 17 3.16 18.74 -5.90
CA GLU A 17 1.92 18.04 -6.14
C GLU A 17 0.99 18.76 -7.11
N ARG A 18 1.59 19.40 -8.09
CA ARG A 18 0.85 20.03 -9.17
C ARG A 18 0.92 19.17 -10.40
N TYR A 19 0.02 18.19 -10.42
CA TYR A 19 0.18 17.09 -11.41
C TYR A 19 -0.29 17.51 -12.78
N ASP A 20 -1.25 18.44 -12.83
CA ASP A 20 -1.63 19.00 -14.14
C ASP A 20 -0.44 19.68 -14.78
N ASP A 21 0.30 20.49 -14.01
CA ASP A 21 1.53 21.10 -14.56
C ASP A 21 2.56 20.04 -15.01
N MET A 22 2.72 19.02 -14.14
CA MET A 22 3.61 17.89 -14.37
C MET A 22 3.24 17.14 -15.67
N ALA A 23 1.99 16.79 -15.88
CA ALA A 23 1.60 16.05 -17.06
C ALA A 23 1.77 16.91 -18.36
N ALA A 24 1.50 18.23 -18.25
CA ALA A 24 1.66 19.20 -19.34
C ALA A 24 3.13 19.16 -19.79
N CYS A 25 4.03 19.14 -18.80
CA CYS A 25 5.50 19.05 -19.11
C CYS A 25 5.87 17.78 -19.80
N MET A 26 5.36 16.68 -19.25
CA MET A 26 5.73 15.37 -19.77
C MET A 26 5.06 14.99 -21.11
N LYS A 27 3.83 15.50 -21.37
CA LYS A 27 3.19 15.45 -22.70
C LYS A 27 4.05 16.16 -23.71
N SER A 28 4.53 17.37 -23.37
CA SER A 28 5.38 18.11 -24.31
C SER A 28 6.69 17.37 -24.59
N VAL A 29 7.31 16.82 -23.54
CA VAL A 29 8.53 15.99 -23.73
C VAL A 29 8.25 14.82 -24.67
N THR A 30 7.21 14.05 -24.41
CA THR A 30 6.91 12.83 -25.19
C THR A 30 6.71 13.22 -26.64
N GLU A 31 5.97 14.33 -26.84
CA GLU A 31 5.66 14.83 -28.21
C GLU A 31 6.89 15.29 -29.01
N GLN A 32 8.00 15.61 -28.37
CA GLN A 32 9.27 15.80 -29.10
C GLN A 32 9.74 14.58 -29.89
N GLY A 33 9.20 13.41 -29.58
CA GLY A 33 9.38 12.22 -30.39
C GLY A 33 10.56 11.32 -30.02
N ALA A 34 11.47 11.76 -29.13
CA ALA A 34 12.59 10.85 -28.71
C ALA A 34 12.17 9.92 -27.60
N GLU A 35 12.80 8.73 -27.57
CA GLU A 35 12.60 7.80 -26.48
C GLU A 35 12.80 8.46 -25.11
N LEU A 36 11.99 8.05 -24.14
CA LEU A 36 12.11 8.57 -22.79
C LEU A 36 13.11 7.75 -22.02
N SER A 37 13.87 8.42 -21.17
CA SER A 37 14.74 7.78 -20.21
C SER A 37 13.84 7.15 -19.17
N ASN A 38 14.44 6.29 -18.35
CA ASN A 38 13.73 5.71 -17.23
C ASN A 38 13.17 6.76 -16.27
N GLU A 39 13.96 7.77 -15.99
CA GLU A 39 13.53 8.84 -15.11
C GLU A 39 12.26 9.53 -15.72
N GLU A 40 12.31 9.85 -17.02
CA GLU A 40 11.23 10.56 -17.72
C GLU A 40 10.00 9.66 -17.82
N ARG A 41 10.22 8.33 -17.98
CA ARG A 41 9.14 7.40 -17.98
C ARG A 41 8.36 7.43 -16.69
N ASN A 42 9.04 7.50 -15.56
CA ASN A 42 8.39 7.55 -14.26
C ASN A 42 7.67 8.87 -14.02
N LEU A 43 8.28 9.96 -14.48
CA LEU A 43 7.66 11.27 -14.46
C LEU A 43 6.35 11.25 -15.19
N LEU A 44 6.34 10.76 -16.43
CA LEU A 44 5.10 10.66 -17.20
C LEU A 44 4.04 9.87 -16.40
N SER A 45 4.45 8.67 -15.96
CA SER A 45 3.61 7.76 -15.18
C SER A 45 3.03 8.37 -13.90
N VAL A 46 3.85 9.04 -13.12
CA VAL A 46 3.34 9.63 -11.94
C VAL A 46 2.35 10.73 -12.24
N ALA A 47 2.69 11.57 -13.21
CA ALA A 47 1.85 12.74 -13.50
C ALA A 47 0.43 12.31 -13.93
N TYR A 48 0.37 11.36 -14.87
CA TYR A 48 -0.92 10.92 -15.39
C TYR A 48 -1.70 10.05 -14.38
N LYS A 49 -1.00 9.29 -13.58
CA LYS A 49 -1.65 8.48 -12.58
C LYS A 49 -2.37 9.39 -11.55
N ASN A 50 -1.76 10.53 -11.19
CA ASN A 50 -2.40 11.42 -10.23
C ASN A 50 -3.49 12.29 -10.85
N VAL A 51 -3.33 12.66 -12.12
CA VAL A 51 -4.35 13.44 -12.81
C VAL A 51 -5.61 12.58 -12.99
N VAL A 52 -5.46 11.36 -13.46
CA VAL A 52 -6.64 10.52 -13.64
C VAL A 52 -7.20 9.99 -12.30
N GLY A 53 -6.28 9.75 -11.36
CA GLY A 53 -6.50 9.31 -9.99
C GLY A 53 -7.49 10.21 -9.31
N ALA A 54 -7.26 11.51 -9.40
CA ALA A 54 -8.25 12.51 -8.88
C ALA A 54 -9.69 12.30 -9.39
N ARG A 55 -9.81 12.05 -10.72
CA ARG A 55 -11.13 11.86 -11.33
C ARG A 55 -11.69 10.53 -10.93
N ARG A 56 -10.85 9.48 -10.93
CA ARG A 56 -11.31 8.18 -10.48
C ARG A 56 -11.91 8.25 -9.09
N SER A 57 -11.21 8.93 -8.19
CA SER A 57 -11.64 9.02 -6.81
C SER A 57 -13.02 9.75 -6.74
N SER A 58 -13.09 10.89 -7.39
CA SER A 58 -14.30 11.71 -7.42
C SER A 58 -15.47 10.95 -8.07
N TRP A 59 -15.16 10.29 -9.18
CA TRP A 59 -16.19 9.50 -9.87
C TRP A 59 -16.81 8.41 -8.99
N ARG A 60 -15.98 7.72 -8.21
CA ARG A 60 -16.45 6.64 -7.34
C ARG A 60 -17.41 7.16 -6.25
N VAL A 61 -17.10 8.35 -5.72
CA VAL A 61 -17.93 8.97 -4.69
C VAL A 61 -19.28 9.38 -5.30
N VAL A 62 -19.22 10.12 -6.37
CA VAL A 62 -20.42 10.66 -6.97
C VAL A 62 -21.32 9.53 -7.56
N SER A 63 -20.75 8.58 -8.27
CA SER A 63 -21.60 7.46 -8.73
C SER A 63 -22.18 6.64 -7.54
N SER A 64 -21.41 6.41 -6.46
CA SER A 64 -21.99 5.77 -5.26
C SER A 64 -23.19 6.53 -4.71
N ILE A 65 -23.12 7.86 -4.75
CA ILE A 65 -24.21 8.73 -4.34
C ILE A 65 -25.38 8.67 -5.31
N GLU A 66 -25.07 8.68 -6.62
CA GLU A 66 -26.09 8.52 -7.65
C GLU A 66 -26.91 7.28 -7.40
N GLN A 67 -26.21 6.18 -7.12
CA GLN A 67 -26.81 4.90 -6.73
C GLN A 67 -27.64 4.92 -5.40
N LYS A 68 -28.05 6.10 -4.92
CA LYS A 68 -28.82 6.26 -3.68
C LYS A 68 -29.85 7.39 -3.74
N LYS A 74 -34.54 19.42 -8.59
CA LYS A 74 -33.61 18.40 -9.07
C LYS A 74 -33.71 17.13 -8.20
N LYS A 75 -32.78 16.19 -8.37
CA LYS A 75 -32.80 14.94 -7.63
C LYS A 75 -31.41 14.20 -7.63
N GLN A 76 -31.49 12.85 -7.67
CA GLN A 76 -30.48 11.92 -8.23
C GLN A 76 -29.87 12.44 -9.50
N GLN A 77 -30.65 13.22 -10.26
CA GLN A 77 -30.14 13.95 -11.41
C GLN A 77 -28.85 14.73 -11.18
N MET A 78 -28.75 15.49 -10.09
CA MET A 78 -27.57 16.35 -9.85
C MET A 78 -26.31 15.49 -9.84
N ALA A 79 -26.34 14.45 -9.02
CA ALA A 79 -25.30 13.47 -8.98
C ALA A 79 -24.95 12.96 -10.39
N ARG A 80 -25.95 12.45 -11.14
CA ARG A 80 -25.78 11.98 -12.50
C ARG A 80 -25.03 12.94 -13.43
N GLU A 81 -25.42 14.21 -13.40
CA GLU A 81 -24.81 15.25 -14.23
C GLU A 81 -23.38 15.56 -13.77
N TYR A 82 -23.18 15.55 -12.46
CA TYR A 82 -21.85 15.75 -11.92
C TYR A 82 -21.02 14.56 -12.30
N ARG A 83 -21.51 13.34 -12.07
CA ARG A 83 -20.84 12.15 -12.58
C ARG A 83 -20.42 12.25 -14.07
N GLU A 84 -21.32 12.74 -14.93
CA GLU A 84 -21.03 12.81 -16.39
C GLU A 84 -19.91 13.83 -16.71
N LYS A 85 -19.83 14.92 -15.98
CA LYS A 85 -18.79 15.92 -16.16
C LYS A 85 -17.44 15.38 -15.69
N ILE A 86 -17.43 14.68 -14.59
CA ILE A 86 -16.24 14.04 -14.13
C ILE A 86 -15.83 12.94 -15.12
N GLU A 87 -16.81 12.25 -15.69
CA GLU A 87 -16.52 11.29 -16.70
C GLU A 87 -15.83 11.85 -17.89
N THR A 88 -16.31 13.01 -18.34
CA THR A 88 -15.78 13.60 -19.52
C THR A 88 -14.32 13.85 -19.29
N GLU A 89 -14.01 14.38 -18.08
CA GLU A 89 -12.63 14.75 -17.74
C GLU A 89 -11.75 13.51 -17.74
N LEU A 90 -12.22 12.49 -17.05
CA LEU A 90 -11.54 11.23 -16.98
C LEU A 90 -11.16 10.66 -18.32
N ARG A 91 -12.15 10.54 -19.22
CA ARG A 91 -11.96 10.05 -20.54
C ARG A 91 -10.96 10.88 -21.38
N ASP A 92 -10.98 12.20 -21.25
CA ASP A 92 -10.08 13.04 -22.04
C ASP A 92 -8.65 12.84 -21.55
N ILE A 93 -8.48 12.68 -20.22
CA ILE A 93 -7.12 12.35 -19.67
C ILE A 93 -6.64 10.98 -20.20
N CYS A 94 -7.47 9.96 -20.06
CA CYS A 94 -7.19 8.65 -20.62
C CYS A 94 -6.95 8.72 -22.10
N ASN A 95 -7.76 9.47 -22.87
CA ASN A 95 -7.57 9.49 -24.29
C ASN A 95 -6.24 10.13 -24.65
N ASP A 96 -5.85 11.16 -23.90
CA ASP A 96 -4.50 11.73 -24.10
C ASP A 96 -3.35 10.72 -23.90
N VAL A 97 -3.38 10.04 -22.77
CA VAL A 97 -2.36 9.04 -22.44
C VAL A 97 -2.29 7.98 -23.54
N LEU A 98 -3.44 7.47 -23.95
CA LEU A 98 -3.52 6.37 -24.91
C LEU A 98 -3.06 6.85 -26.30
N SER A 99 -3.39 8.06 -26.68
CA SER A 99 -2.73 8.71 -27.81
C SER A 99 -1.22 8.88 -27.71
N LEU A 100 -0.69 9.28 -26.57
CA LEU A 100 0.74 9.41 -26.46
C LEU A 100 1.42 8.01 -26.63
N LEU A 101 0.78 7.00 -26.07
CA LEU A 101 1.37 5.66 -26.12
C LEU A 101 1.36 5.11 -27.53
N GLU A 102 0.28 5.39 -28.25
CA GLU A 102 0.09 4.86 -29.54
C GLU A 102 0.87 5.66 -30.57
N LYS A 103 0.93 7.00 -30.41
CA LYS A 103 1.59 7.82 -31.41
C LYS A 103 3.09 7.88 -31.27
N PHE A 104 3.61 7.81 -30.04
CA PHE A 104 5.03 7.98 -29.81
C PHE A 104 5.70 6.85 -29.02
N LEU A 105 5.16 6.49 -27.85
CA LEU A 105 5.94 5.74 -26.91
C LEU A 105 6.06 4.28 -27.33
N ILE A 106 4.94 3.63 -27.59
CA ILE A 106 4.99 2.19 -27.92
C ILE A 106 5.74 2.00 -29.25
N PRO A 107 5.41 2.75 -30.31
CA PRO A 107 6.16 2.49 -31.54
C PRO A 107 7.67 2.71 -31.46
N ASN A 108 8.17 3.64 -30.65
CA ASN A 108 9.61 3.81 -30.53
C ASN A 108 10.31 3.16 -29.34
N ALA A 109 9.60 2.41 -28.50
CA ALA A 109 10.25 1.66 -27.42
C ALA A 109 11.20 0.59 -28.00
N SER A 110 12.49 0.79 -27.82
CA SER A 110 13.50 -0.07 -28.43
C SER A 110 14.02 -1.19 -27.52
N GLN A 111 13.58 -1.26 -26.25
CA GLN A 111 14.00 -2.36 -25.33
C GLN A 111 12.75 -2.99 -24.64
N ALA A 112 12.91 -4.19 -24.10
CA ALA A 112 11.81 -4.92 -23.49
C ALA A 112 11.19 -4.20 -22.32
N GLU A 113 11.99 -3.65 -21.41
C GLU A 113 10.62 -1.29 -20.37
N SER A 114 10.99 -0.88 -21.58
CA SER A 114 10.21 0.15 -22.24
C SER A 114 8.91 -0.46 -22.77
N LYS A 115 9.02 -1.55 -23.55
CA LYS A 115 7.87 -2.10 -24.18
C LYS A 115 6.86 -2.55 -23.15
N VAL A 116 7.34 -3.32 -22.15
CA VAL A 116 6.49 -3.72 -21.03
CA PHE A 117 6.13 -0.46 -19.31
C PHE A 117 4.93 0.21 -19.97
N TYR A 118 5.08 0.47 -21.26
CA TYR A 118 4.10 1.22 -22.07
C TYR A 118 2.96 0.36 -22.48
N LEU A 119 3.19 -0.94 -22.71
CA LEU A 119 2.03 -1.77 -22.87
C LEU A 119 1.17 -1.93 -21.63
N LYS A 120 1.81 -2.09 -20.47
CA LYS A 120 1.10 -2.14 -19.21
C LYS A 120 0.22 -0.85 -19.05
N MET A 121 0.87 0.28 -19.24
CA MET A 121 0.22 1.58 -19.20
C MET A 121 -0.97 1.63 -20.13
N LYS A 122 -0.83 1.13 -21.33
CA LYS A 122 -1.94 1.05 -22.30
C LYS A 122 -3.05 0.24 -21.71
N GLY A 123 -2.70 -0.90 -21.10
CA GLY A 123 -3.71 -1.73 -20.43
C GLY A 123 -4.40 -0.99 -19.31
N ASP A 124 -3.64 -0.27 -18.51
CA ASP A 124 -4.21 0.44 -17.34
C ASP A 124 -5.17 1.55 -17.76
N TYR A 125 -4.76 2.40 -18.69
CA TYR A 125 -5.66 3.52 -19.14
C TYR A 125 -6.93 3.06 -19.88
N TYR A 126 -6.83 2.00 -20.70
CA TYR A 126 -8.01 1.36 -21.19
C TYR A 126 -8.85 0.74 -20.04
N ARG A 127 -8.23 0.15 -19.02
CA ARG A 127 -8.99 -0.36 -17.84
C ARG A 127 -9.67 0.79 -17.17
N TYR A 128 -9.01 1.94 -17.05
CA TYR A 128 -9.73 3.12 -16.42
C TYR A 128 -10.92 3.57 -17.24
N LEU A 129 -10.76 3.60 -18.56
CA LEU A 129 -11.97 3.80 -19.42
C LEU A 129 -13.03 2.74 -19.20
N ALA A 130 -12.61 1.47 -19.14
CA ALA A 130 -13.58 0.39 -18.85
C ALA A 130 -14.35 0.52 -17.52
N GLU A 131 -13.74 1.10 -16.49
CA GLU A 131 -14.45 1.39 -15.24
C GLU A 131 -15.72 2.22 -15.40
N VAL A 132 -15.68 3.13 -16.36
CA VAL A 132 -16.76 4.07 -16.61
C VAL A 132 -17.54 3.88 -17.91
N ALA A 133 -17.08 3.01 -18.82
CA ALA A 133 -17.71 2.77 -20.13
C ALA A 133 -19.07 2.09 -20.05
N ALA A 134 -20.04 2.56 -20.82
CA ALA A 134 -21.45 2.21 -20.61
C ALA A 134 -21.94 1.45 -21.79
N GLY A 135 -21.99 2.14 -22.92
CA GLY A 135 -22.64 1.61 -24.10
C GLY A 135 -21.65 1.12 -25.12
N ASP A 136 -21.90 1.50 -26.38
CA ASP A 136 -21.35 0.86 -27.59
C ASP A 136 -19.94 0.37 -27.48
N ASP A 137 -19.09 1.27 -26.99
CA ASP A 137 -17.62 1.15 -27.09
C ASP A 137 -16.94 0.35 -25.94
N LYS A 138 -17.69 -0.03 -24.90
CA LYS A 138 -17.13 -0.80 -23.78
C LYS A 138 -16.49 -2.11 -24.17
N LYS A 139 -17.18 -2.86 -25.03
CA LYS A 139 -16.64 -4.11 -25.48
C LYS A 139 -15.26 -3.87 -26.13
N GLY A 140 -15.16 -2.88 -27.04
CA GLY A 140 -13.88 -2.60 -27.73
C GLY A 140 -12.77 -2.18 -26.71
N ILE A 141 -13.21 -1.37 -25.73
CA ILE A 141 -12.29 -0.81 -24.71
C ILE A 141 -11.63 -1.94 -23.85
N VAL A 142 -12.47 -2.84 -23.40
CA VAL A 142 -12.07 -4.00 -22.59
C VAL A 142 -11.17 -4.92 -23.39
N ASP A 143 -11.48 -5.17 -24.67
CA ASP A 143 -10.60 -5.94 -25.55
C ASP A 143 -9.21 -5.29 -25.78
N GLN A 144 -9.19 -3.94 -25.98
CA GLN A 144 -7.91 -3.23 -26.08
C GLN A 144 -7.06 -3.39 -24.76
N SER A 145 -7.70 -3.24 -23.63
CA SER A 145 -7.08 -3.38 -22.33
C SER A 145 -6.51 -4.80 -22.17
N GLN A 146 -7.32 -5.80 -22.48
CA GLN A 146 -6.85 -7.21 -22.44
C GLN A 146 -5.72 -7.48 -23.37
N GLN A 147 -5.80 -6.98 -24.59
CA GLN A 147 -4.73 -7.23 -25.57
C GLN A 147 -3.41 -6.59 -25.19
N ALA A 148 -3.47 -5.36 -24.71
CA ALA A 148 -2.25 -4.70 -24.30
C ALA A 148 -1.60 -5.41 -23.09
N TYR A 149 -2.44 -5.79 -22.13
CA TYR A 149 -1.86 -6.49 -20.94
C TYR A 149 -1.22 -7.84 -21.40
N GLN A 150 -1.88 -8.54 -22.29
CA GLN A 150 -1.40 -9.89 -22.72
C GLN A 150 -0.10 -9.74 -23.45
N GLU A 151 -0.03 -8.81 -24.39
CA GLU A 151 1.25 -8.47 -25.03
C GLU A 151 2.33 -8.18 -24.01
N ALA A 152 2.04 -7.31 -23.07
CA ALA A 152 3.03 -6.94 -22.10
C ALA A 152 3.44 -8.18 -21.27
N PHE A 153 2.47 -8.97 -20.89
CA PHE A 153 2.65 -10.17 -20.08
C PHE A 153 3.58 -11.18 -20.77
N GLU A 154 3.28 -11.52 -22.01
CA GLU A 154 4.14 -12.41 -22.83
C GLU A 154 5.56 -11.87 -22.96
N ILE A 155 5.74 -10.53 -23.15
CA ILE A 155 7.11 -10.03 -23.28
C ILE A 155 7.82 -10.15 -21.95
N SER A 156 7.09 -9.88 -20.89
CA SER A 156 7.69 -9.84 -19.56
C SER A 156 8.18 -11.19 -19.12
N LYS A 157 7.44 -12.23 -19.49
CA LYS A 157 7.82 -13.64 -19.16
C LYS A 157 9.09 -14.05 -19.93
N LYS A 158 9.20 -13.58 -21.17
CA LYS A 158 10.39 -13.91 -21.96
C LYS A 158 11.59 -13.14 -21.43
N GLU A 159 11.41 -11.88 -21.05
CA GLU A 159 12.57 -10.99 -20.91
C GLU A 159 13.01 -10.57 -19.51
N MET A 160 12.24 -10.89 -18.48
CA MET A 160 12.50 -10.41 -17.15
C MET A 160 12.32 -11.54 -16.14
N GLN A 161 13.07 -11.42 -15.06
CA GLN A 161 12.96 -12.32 -13.93
C GLN A 161 11.59 -12.16 -13.31
N PRO A 162 11.14 -13.18 -12.53
CA PRO A 162 9.83 -13.04 -11.87
C PRO A 162 9.78 -12.05 -10.73
N THR A 163 10.94 -11.62 -10.28
CA THR A 163 11.06 -10.59 -9.26
C THR A 163 11.18 -9.14 -9.81
N HIS A 164 11.23 -8.97 -11.11
CA HIS A 164 11.45 -7.65 -11.71
C HIS A 164 10.25 -6.76 -11.40
N PRO A 165 10.48 -5.53 -10.95
CA PRO A 165 9.31 -4.70 -10.52
C PRO A 165 8.23 -4.45 -11.62
N ILE A 166 8.65 -4.22 -12.85
CA ILE A 166 7.67 -3.93 -13.91
C ILE A 166 6.95 -5.21 -14.21
N ARG A 167 7.62 -6.38 -14.13
CA ARG A 167 6.89 -7.66 -14.38
C ARG A 167 5.79 -7.96 -13.33
N LEU A 168 6.14 -7.82 -12.04
CA LEU A 168 5.18 -7.89 -10.94
C LEU A 168 4.05 -6.88 -10.91
N GLY A 169 4.38 -5.61 -11.12
CA GLY A 169 3.36 -4.57 -11.37
C GLY A 169 2.37 -4.85 -12.49
N LEU A 170 2.87 -5.38 -13.59
CA LEU A 170 2.01 -5.88 -14.67
C LEU A 170 1.09 -7.01 -14.26
N ALA A 171 1.60 -8.06 -13.64
CA ALA A 171 0.74 -9.12 -13.17
C ALA A 171 -0.30 -8.58 -12.24
N LEU A 172 0.13 -7.68 -11.37
CA LEU A 172 -0.81 -7.17 -10.33
C LEU A 172 -1.98 -6.53 -11.07
N ASN A 173 -1.65 -5.60 -11.96
CA ASN A 173 -2.71 -4.89 -12.68
C ASN A 173 -3.54 -5.75 -13.57
N PHE A 174 -2.94 -6.73 -14.23
CA PHE A 174 -3.67 -7.63 -15.08
C PHE A 174 -4.61 -8.47 -14.27
N SER A 175 -4.14 -8.89 -13.09
CA SER A 175 -5.02 -9.58 -12.15
C SER A 175 -6.27 -8.75 -11.81
N VAL A 176 -6.03 -7.44 -11.52
CA VAL A 176 -7.12 -6.58 -11.15
C VAL A 176 -8.08 -6.42 -12.35
N PHE A 177 -7.51 -6.33 -13.55
CA PHE A 177 -8.37 -6.26 -14.74
C PHE A 177 -9.30 -7.46 -14.82
N TYR A 178 -8.78 -8.68 -14.68
CA TYR A 178 -9.59 -9.91 -14.67
C TYR A 178 -10.66 -9.87 -13.58
N TYR A 179 -10.27 -9.49 -12.36
CA TYR A 179 -11.23 -9.39 -11.26
C TYR A 179 -12.34 -8.36 -11.50
N GLU A 180 -11.95 -7.15 -11.81
CA GLU A 180 -12.87 -6.01 -11.79
C GLU A 180 -13.61 -5.70 -13.09
N ILE A 181 -12.94 -5.90 -14.19
CA ILE A 181 -13.48 -5.57 -15.52
C ILE A 181 -14.04 -6.82 -16.19
N LEU A 182 -13.35 -7.93 -16.10
CA LEU A 182 -13.83 -9.14 -16.73
C LEU A 182 -14.57 -10.09 -15.82
N ASN A 183 -14.88 -9.68 -14.60
CA ASN A 183 -15.66 -10.56 -13.67
C ASN A 183 -15.09 -12.01 -13.67
N SER A 184 -13.76 -12.14 -13.55
CA SER A 184 -13.06 -13.44 -13.73
C SER A 184 -12.20 -13.62 -12.48
N PRO A 185 -12.88 -13.87 -11.34
CA PRO A 185 -12.13 -13.96 -10.10
C PRO A 185 -11.18 -15.20 -10.04
N GLU A 186 -11.53 -16.32 -10.68
CA GLU A 186 -10.63 -17.49 -10.71
C GLU A 186 -9.34 -17.16 -11.38
N LYS A 187 -9.45 -16.55 -12.56
CA LYS A 187 -8.32 -16.18 -13.36
C LYS A 187 -7.47 -15.11 -12.65
N ALA A 188 -8.15 -14.15 -12.02
CA ALA A 188 -7.46 -13.11 -11.31
C ALA A 188 -6.56 -13.68 -10.17
N CYS A 189 -7.15 -14.61 -9.39
CA CYS A 189 -6.46 -15.26 -8.27
C CYS A 189 -5.33 -16.13 -8.79
N SER A 190 -5.55 -16.88 -9.90
CA SER A 190 -4.50 -17.74 -10.44
C SER A 190 -3.31 -16.91 -10.92
N LEU A 191 -3.61 -15.81 -11.61
CA LEU A 191 -2.55 -14.96 -12.16
C LEU A 191 -1.79 -14.32 -10.98
N ALA A 192 -2.51 -13.82 -9.97
CA ALA A 192 -1.86 -13.19 -8.80
C ALA A 192 -0.96 -14.14 -8.02
N LYS A 193 -1.55 -15.30 -7.69
CA LYS A 193 -0.91 -16.37 -6.98
C LYS A 193 0.35 -16.86 -7.70
N THR A 194 0.26 -17.08 -9.01
CA THR A 194 1.43 -17.51 -9.76
C THR A 194 2.55 -16.52 -9.70
N ALA A 195 2.23 -15.22 -9.86
CA ALA A 195 3.25 -14.15 -9.90
C ALA A 195 3.93 -14.06 -8.55
N PHE A 196 3.10 -14.10 -7.53
CA PHE A 196 3.59 -14.13 -6.17
C PHE A 196 4.48 -15.35 -5.91
N ASP A 197 3.97 -16.53 -6.18
CA ASP A 197 4.78 -17.74 -5.87
C ASP A 197 6.04 -17.84 -6.68
N GLU A 198 6.00 -17.42 -7.96
CA GLU A 198 7.19 -17.43 -8.79
C GLU A 198 8.21 -16.44 -8.29
N ALA A 199 7.76 -15.29 -7.77
CA ALA A 199 8.69 -14.30 -7.20
C ALA A 199 9.40 -14.87 -5.94
N ILE A 200 8.64 -15.59 -5.14
CA ILE A 200 9.22 -16.24 -3.94
C ILE A 200 10.26 -17.32 -4.25
N ALA A 201 9.92 -18.19 -5.22
CA ALA A 201 10.76 -19.23 -5.60
C ALA A 201 12.09 -18.61 -6.02
N GLU A 202 12.05 -17.51 -6.72
CA GLU A 202 13.24 -16.89 -7.31
C GLU A 202 13.64 -15.56 -6.64
N LEU A 203 13.41 -15.49 -5.36
CA LEU A 203 13.79 -14.35 -4.59
C LEU A 203 15.28 -14.08 -4.65
N ASP A 204 16.08 -15.11 -4.91
CA ASP A 204 17.53 -14.93 -5.10
C ASP A 204 17.88 -14.05 -6.31
N THR A 205 16.93 -13.89 -7.22
CA THR A 205 17.14 -13.03 -8.38
C THR A 205 16.83 -11.54 -8.05
N LEU A 206 16.27 -11.23 -6.88
CA LEU A 206 15.90 -9.84 -6.62
C LEU A 206 17.13 -9.00 -6.27
N SER A 207 17.42 -7.95 -7.06
CA SER A 207 18.58 -7.09 -6.82
C SER A 207 18.31 -6.11 -5.68
N GLU A 208 19.38 -5.54 -5.12
CA GLU A 208 19.26 -4.50 -4.10
C GLU A 208 18.43 -3.29 -4.62
N GLU A 209 18.66 -2.87 -5.88
CA GLU A 209 18.10 -1.62 -6.41
C GLU A 209 16.60 -1.73 -6.71
N SER A 210 16.12 -2.95 -6.94
CA SER A 210 14.70 -3.28 -7.16
C SER A 210 14.00 -3.78 -5.92
N TYR A 211 14.77 -4.15 -4.87
CA TYR A 211 14.23 -4.88 -3.72
C TYR A 211 12.99 -4.26 -3.13
N LYS A 212 13.03 -2.95 -2.87
CA LYS A 212 11.97 -2.37 -2.07
C LYS A 212 10.67 -2.35 -2.90
N ASP A 213 10.81 -2.03 -4.17
CA ASP A 213 9.62 -1.92 -4.98
C ASP A 213 8.97 -3.30 -5.16
N SER A 214 9.80 -4.31 -5.47
CA SER A 214 9.24 -5.65 -5.76
C SER A 214 8.57 -6.25 -4.55
N THR A 215 9.09 -5.97 -3.35
CA THR A 215 8.49 -6.56 -2.19
C THR A 215 7.22 -5.82 -1.88
N LEU A 216 7.13 -4.52 -2.21
CA LEU A 216 5.89 -3.80 -1.99
C LEU A 216 4.81 -4.34 -2.93
N ILE A 217 5.15 -4.57 -4.18
CA ILE A 217 4.16 -5.16 -5.09
C ILE A 217 3.79 -6.59 -4.69
N MET A 218 4.77 -7.36 -4.27
CA MET A 218 4.45 -8.67 -3.70
C MET A 218 3.45 -8.56 -2.58
N GLN A 219 3.60 -7.57 -1.70
CA GLN A 219 2.61 -7.39 -0.62
C GLN A 219 1.23 -7.06 -1.17
N LEU A 220 1.19 -6.33 -2.30
CA LEU A 220 -0.06 -5.93 -2.86
C LEU A 220 -0.76 -7.13 -3.49
N LEU A 221 0.01 -7.98 -4.14
CA LEU A 221 -0.55 -9.24 -4.68
C LEU A 221 -1.16 -10.05 -3.54
N ARG A 222 -0.41 -10.20 -2.46
CA ARG A 222 -0.89 -10.94 -1.31
C ARG A 222 -2.15 -10.27 -0.70
N ASP A 223 -2.16 -8.94 -0.57
CA ASP A 223 -3.39 -8.25 -0.07
C ASP A 223 -4.63 -8.50 -0.93
N ASN A 224 -4.48 -8.41 -2.25
CA ASN A 224 -5.66 -8.71 -3.13
C ASN A 224 -6.12 -10.15 -3.01
N LEU A 225 -5.15 -11.06 -3.05
CA LEU A 225 -5.49 -12.46 -2.93
C LEU A 225 -6.31 -12.72 -1.63
N THR A 226 -5.91 -12.02 -0.56
CA THR A 226 -6.60 -12.12 0.71
C THR A 226 -7.99 -11.61 0.64
N LEU A 227 -8.15 -10.45 0.00
CA LEU A 227 -9.41 -9.84 -0.16
C LEU A 227 -10.33 -10.71 -1.02
N TRP A 228 -9.79 -11.25 -2.12
CA TRP A 228 -10.61 -12.01 -3.06
C TRP A 228 -11.00 -13.36 -2.59
N THR A 229 -10.30 -13.86 -1.59
CA THR A 229 -10.62 -15.17 -1.01
C THR A 229 -11.32 -15.05 0.33
N SER A 230 -11.68 -13.84 0.74
CA SER A 230 -12.19 -13.54 2.08
C SER A 230 -13.72 -13.51 2.08
N MET B 1 -27.53 30.87 -10.57
CA MET B 1 -28.25 31.59 -9.46
C MET B 1 -29.56 30.87 -9.12
N ASP B 2 -29.42 29.59 -8.78
CA ASP B 2 -30.53 28.67 -8.51
C ASP B 2 -31.01 28.63 -7.04
N LYS B 3 -30.09 28.92 -6.11
CA LYS B 3 -30.40 29.00 -4.67
C LYS B 3 -29.89 27.79 -3.88
N ASN B 4 -30.81 26.91 -3.50
CA ASN B 4 -30.50 25.69 -2.74
C ASN B 4 -29.86 24.64 -3.62
N GLU B 5 -30.06 24.76 -4.93
CA GLU B 5 -29.36 23.97 -5.91
C GLU B 5 -27.83 24.12 -5.76
N LEU B 6 -27.36 25.39 -5.71
CA LEU B 6 -25.93 25.78 -5.67
C LEU B 6 -25.25 25.27 -4.42
N VAL B 7 -25.97 25.29 -3.30
CA VAL B 7 -25.59 24.62 -2.07
C VAL B 7 -25.55 23.10 -2.13
N GLN B 8 -26.56 22.42 -2.68
CA GLN B 8 -26.47 20.92 -2.70
C GLN B 8 -25.29 20.44 -3.58
N LYS B 9 -24.99 21.22 -4.61
CA LYS B 9 -23.85 20.99 -5.49
C LYS B 9 -22.50 21.26 -4.77
N ALA B 10 -22.48 22.31 -3.98
CA ALA B 10 -21.35 22.58 -3.11
C ALA B 10 -21.10 21.38 -2.24
N LYS B 11 -22.15 20.78 -1.66
CA LYS B 11 -22.06 19.54 -0.84
C LYS B 11 -21.58 18.28 -1.59
N LEU B 12 -22.03 18.13 -2.82
CA LEU B 12 -21.54 17.05 -3.70
C LEU B 12 -20.06 17.25 -4.06
N ALA B 13 -19.70 18.47 -4.32
CA ALA B 13 -18.32 18.84 -4.68
C ALA B 13 -17.42 18.56 -3.47
N GLU B 14 -17.97 18.75 -2.27
CA GLU B 14 -17.20 18.50 -1.09
C GLU B 14 -16.87 17.03 -0.91
N GLN B 15 -17.89 16.20 -1.07
CA GLN B 15 -17.75 14.76 -0.95
C GLN B 15 -16.84 14.21 -2.01
N ALA B 16 -16.89 14.77 -3.22
CA ALA B 16 -15.92 14.48 -4.30
C ALA B 16 -14.52 15.08 -4.17
N GLU B 17 -14.28 15.89 -3.14
CA GLU B 17 -13.00 16.63 -2.97
C GLU B 17 -12.61 17.47 -4.13
N ARG B 18 -13.62 18.04 -4.84
CA ARG B 18 -13.37 18.98 -5.87
C ARG B 18 -13.61 20.38 -5.31
N TYR B 19 -12.59 20.89 -4.61
CA TYR B 19 -12.74 22.12 -3.85
C TYR B 19 -12.79 23.39 -4.68
N ASP B 20 -12.21 23.40 -5.89
CA ASP B 20 -12.44 24.48 -6.84
C ASP B 20 -13.88 24.61 -7.23
N ASP B 21 -14.55 23.50 -7.55
CA ASP B 21 -15.98 23.50 -7.83
C ASP B 21 -16.86 24.01 -6.65
N MET B 22 -16.52 23.51 -5.47
CA MET B 22 -17.22 23.86 -4.29
C MET B 22 -17.12 25.35 -4.04
N ALA B 23 -15.94 25.92 -4.19
CA ALA B 23 -15.74 27.33 -3.95
C ALA B 23 -16.48 28.20 -4.99
N ALA B 24 -16.50 27.77 -6.25
CA ALA B 24 -17.37 28.49 -7.24
C ALA B 24 -18.83 28.48 -6.83
N CYS B 25 -19.33 27.37 -6.35
CA CYS B 25 -20.69 27.28 -5.92
C CYS B 25 -20.93 28.23 -4.75
N MET B 26 -20.11 28.14 -3.71
CA MET B 26 -20.33 28.99 -2.51
C MET B 26 -20.18 30.44 -2.69
N LYS B 27 -19.27 30.81 -3.57
CA LYS B 27 -19.08 32.16 -4.00
C LYS B 27 -20.35 32.75 -4.67
N SER B 28 -21.11 31.90 -5.40
CA SER B 28 -22.41 32.29 -5.96
C SER B 28 -23.53 32.31 -4.93
N VAL B 29 -23.49 31.47 -3.91
CA VAL B 29 -24.43 31.65 -2.81
C VAL B 29 -24.14 33.02 -2.12
N THR B 30 -22.90 33.55 -2.25
CA THR B 30 -22.42 34.91 -1.79
C THR B 30 -22.50 36.15 -2.73
N GLU B 31 -22.07 36.05 -3.99
CA GLU B 31 -22.13 37.19 -4.93
C GLU B 31 -23.56 37.71 -5.24
N GLN B 32 -24.57 36.91 -4.86
CA GLN B 32 -25.97 37.31 -4.88
C GLN B 32 -26.30 38.45 -3.90
N GLY B 33 -25.81 38.39 -2.66
CA GLY B 33 -26.08 39.42 -1.63
C GLY B 33 -26.75 38.89 -0.36
N ALA B 34 -27.48 37.78 -0.48
CA ALA B 34 -28.10 37.19 0.70
C ALA B 34 -27.03 36.73 1.71
N GLU B 35 -27.38 36.74 2.99
CA GLU B 35 -26.49 36.25 4.07
C GLU B 35 -26.52 34.74 4.10
N LEU B 36 -25.85 34.12 5.08
CA LEU B 36 -25.55 32.70 5.07
C LEU B 36 -25.87 32.00 6.39
N SER B 37 -26.43 30.80 6.29
CA SER B 37 -26.62 29.94 7.45
C SER B 37 -25.28 29.45 8.00
N ASN B 38 -25.31 28.89 9.20
CA ASN B 38 -24.18 28.16 9.78
C ASN B 38 -23.59 27.09 8.85
N GLU B 39 -24.47 26.41 8.10
CA GLU B 39 -24.06 25.39 7.15
C GLU B 39 -23.35 26.01 5.95
N GLU B 40 -23.97 27.02 5.36
CA GLU B 40 -23.47 27.62 4.10
C GLU B 40 -22.15 28.39 4.29
N ARG B 41 -21.97 28.97 5.46
CA ARG B 41 -20.73 29.68 5.75
C ARG B 41 -19.64 28.62 5.97
N ASN B 42 -19.94 27.55 6.72
CA ASN B 42 -18.98 26.46 6.88
C ASN B 42 -18.55 25.86 5.51
N LEU B 43 -19.51 25.83 4.57
CA LEU B 43 -19.23 25.39 3.21
C LEU B 43 -18.27 26.35 2.54
N LEU B 44 -18.51 27.67 2.64
CA LEU B 44 -17.65 28.65 2.06
C LEU B 44 -16.23 28.49 2.59
N SER B 45 -16.17 28.30 3.92
CA SER B 45 -14.90 28.23 4.65
C SER B 45 -14.07 26.99 4.24
N VAL B 46 -14.73 25.83 4.16
CA VAL B 46 -14.16 24.57 3.78
C VAL B 46 -13.62 24.64 2.36
N ALA B 47 -14.39 25.25 1.43
CA ALA B 47 -14.04 25.29 0.05
C ALA B 47 -12.81 26.12 -0.06
N TYR B 48 -12.84 27.32 0.47
CA TYR B 48 -11.76 28.20 0.27
C TYR B 48 -10.49 27.81 1.04
N LYS B 49 -10.66 27.24 2.23
CA LYS B 49 -9.49 26.81 3.02
C LYS B 49 -8.73 25.75 2.28
N ASN B 50 -9.44 24.88 1.59
CA ASN B 50 -8.78 23.82 0.79
C ASN B 50 -8.17 24.34 -0.50
N VAL B 51 -8.85 25.29 -1.20
CA VAL B 51 -8.37 25.87 -2.41
C VAL B 51 -7.02 26.62 -2.09
N VAL B 52 -7.03 27.50 -1.09
CA VAL B 52 -5.82 28.28 -0.76
C VAL B 52 -4.75 27.33 -0.18
N GLY B 53 -5.17 26.34 0.62
CA GLY B 53 -4.33 25.30 1.27
C GLY B 53 -3.47 24.52 0.28
N ALA B 54 -4.01 24.24 -0.89
CA ALA B 54 -3.23 23.54 -1.92
C ALA B 54 -2.11 24.43 -2.43
N ARG B 55 -2.39 25.74 -2.57
CA ARG B 55 -1.36 26.65 -3.09
C ARG B 55 -0.40 26.93 -1.97
N ARG B 56 -0.91 26.98 -0.75
CA ARG B 56 -0.04 27.20 0.36
C ARG B 56 1.04 26.05 0.44
N SER B 57 0.55 24.80 0.35
CA SER B 57 1.42 23.64 0.42
C SER B 57 2.49 23.68 -0.71
N SER B 58 2.03 23.94 -1.92
CA SER B 58 2.93 23.96 -3.01
C SER B 58 3.92 25.09 -2.86
N TRP B 59 3.41 26.23 -2.47
CA TRP B 59 4.25 27.41 -2.30
C TRP B 59 5.39 27.14 -1.32
N ARG B 60 5.10 26.54 -0.14
CA ARG B 60 6.15 26.15 0.84
C ARG B 60 7.19 25.23 0.24
N VAL B 61 6.73 24.27 -0.57
CA VAL B 61 7.60 23.31 -1.19
C VAL B 61 8.58 23.98 -2.18
N VAL B 62 8.08 24.83 -3.09
CA VAL B 62 8.94 25.41 -4.12
C VAL B 62 9.86 26.44 -3.49
N SER B 63 9.39 27.18 -2.47
CA SER B 63 10.29 28.09 -1.73
C SER B 63 11.38 27.37 -1.05
N SER B 64 11.11 26.19 -0.48
CA SER B 64 12.18 25.40 0.14
C SER B 64 13.20 24.96 -0.92
N ILE B 65 12.70 24.51 -2.08
CA ILE B 65 13.56 24.10 -3.17
C ILE B 65 14.34 25.32 -3.64
N GLU B 66 13.70 26.44 -3.84
CA GLU B 66 14.39 27.66 -4.20
C GLU B 66 15.55 28.04 -3.23
N GLN B 67 15.48 27.65 -1.95
CA GLN B 67 16.56 27.87 -0.95
C GLN B 67 17.68 26.82 -0.92
N LYS B 68 17.44 25.63 -1.47
CA LYS B 68 18.31 24.45 -1.30
C LYS B 68 19.02 24.03 -2.58
N THR B 69 19.03 24.90 -3.59
CA THR B 69 19.75 24.56 -4.80
C THR B 69 21.16 24.99 -4.44
N GLU B 70 22.13 24.16 -4.80
CA GLU B 70 23.50 24.37 -4.34
C GLU B 70 24.14 25.41 -5.24
N GLY B 71 23.62 26.63 -5.17
CA GLY B 71 23.96 27.68 -6.12
C GLY B 71 23.80 27.25 -7.57
N ALA B 72 22.89 26.29 -7.81
CA ALA B 72 22.55 25.85 -9.16
C ALA B 72 21.66 26.91 -9.83
N GLU B 73 22.28 27.93 -10.43
CA GLU B 73 21.55 29.15 -10.86
C GLU B 73 20.28 28.80 -11.62
N LYS B 74 20.38 27.87 -12.57
CA LYS B 74 19.26 27.64 -13.50
C LYS B 74 18.11 26.94 -12.80
N LYS B 75 18.45 25.95 -11.97
CA LYS B 75 17.46 25.35 -11.07
C LYS B 75 16.82 26.38 -10.14
N GLN B 76 17.64 27.22 -9.48
CA GLN B 76 17.07 28.23 -8.56
C GLN B 76 16.17 29.24 -9.25
N GLN B 77 16.54 29.70 -10.44
CA GLN B 77 15.72 30.70 -11.18
C GLN B 77 14.37 30.09 -11.58
N MET B 78 14.37 28.83 -12.01
CA MET B 78 13.17 28.12 -12.37
C MET B 78 12.32 27.92 -11.12
N ALA B 79 12.92 27.55 -10.00
CA ALA B 79 12.17 27.49 -8.75
C ALA B 79 11.59 28.86 -8.38
N ARG B 80 12.35 29.95 -8.57
CA ARG B 80 11.83 31.28 -8.23
C ARG B 80 10.60 31.63 -9.05
N GLU B 81 10.66 31.37 -10.36
CA GLU B 81 9.60 31.71 -11.30
C GLU B 81 8.33 30.88 -11.06
N TYR B 82 8.49 29.60 -10.76
CA TYR B 82 7.34 28.75 -10.35
C TYR B 82 6.67 29.16 -9.05
N ARG B 83 7.47 29.48 -8.04
CA ARG B 83 6.97 30.02 -6.81
C ARG B 83 6.20 31.29 -7.13
N GLU B 84 6.76 32.16 -7.96
CA GLU B 84 6.03 33.38 -8.39
C GLU B 84 4.65 33.11 -9.06
N LYS B 85 4.60 32.08 -9.91
CA LYS B 85 3.35 31.64 -10.47
C LYS B 85 2.39 31.13 -9.39
N ILE B 86 2.85 30.27 -8.51
CA ILE B 86 2.02 29.78 -7.41
C ILE B 86 1.59 30.92 -6.50
N GLU B 87 2.53 31.81 -6.23
CA GLU B 87 2.22 33.04 -5.49
C GLU B 87 1.10 33.92 -6.09
N THR B 88 1.10 34.12 -7.41
CA THR B 88 -0.05 34.78 -8.10
C THR B 88 -1.39 34.06 -7.90
N GLU B 89 -1.41 32.72 -7.99
CA GLU B 89 -2.64 31.97 -7.74
C GLU B 89 -3.17 32.14 -6.35
N LEU B 90 -2.23 31.99 -5.43
CA LEU B 90 -2.49 32.10 -4.02
C LEU B 90 -3.04 33.47 -3.64
N ARG B 91 -2.37 34.52 -4.15
CA ARG B 91 -2.81 35.90 -3.92
C ARG B 91 -4.16 36.18 -4.55
N ASP B 92 -4.39 35.68 -5.77
CA ASP B 92 -5.71 35.82 -6.38
C ASP B 92 -6.82 35.15 -5.60
N ILE B 93 -6.55 34.00 -4.95
CA ILE B 93 -7.56 33.30 -4.16
C ILE B 93 -7.87 34.10 -2.92
N CYS B 94 -6.84 34.56 -2.22
CA CYS B 94 -7.01 35.44 -1.05
C CYS B 94 -7.87 36.68 -1.41
N ASN B 95 -7.51 37.32 -2.53
CA ASN B 95 -8.11 38.56 -2.94
C ASN B 95 -9.58 38.37 -3.19
N ASP B 96 -9.94 37.30 -3.89
CA ASP B 96 -11.32 36.89 -4.07
C ASP B 96 -12.09 36.85 -2.75
N VAL B 97 -11.59 36.04 -1.79
CA VAL B 97 -12.26 35.79 -0.53
C VAL B 97 -12.41 37.06 0.32
N LEU B 98 -11.35 37.85 0.33
CA LEU B 98 -11.30 39.11 1.02
C LEU B 98 -12.31 40.08 0.40
N SER B 99 -12.41 40.07 -0.94
CA SER B 99 -13.45 40.83 -1.67
C SER B 99 -14.89 40.42 -1.21
N LEU B 100 -15.21 39.12 -1.18
CA LEU B 100 -16.48 38.64 -0.61
C LEU B 100 -16.73 39.00 0.86
N LEU B 101 -15.68 38.91 1.65
CA LEU B 101 -15.75 39.36 3.04
C LEU B 101 -16.02 40.87 3.11
N GLU B 102 -15.28 41.68 2.38
CA GLU B 102 -15.42 43.15 2.44
C GLU B 102 -16.73 43.69 1.87
N LYS B 103 -17.12 43.16 0.72
CA LYS B 103 -18.31 43.63 -0.01
C LYS B 103 -19.64 42.92 0.39
N PHE B 104 -19.60 41.64 0.73
CA PHE B 104 -20.82 40.93 1.06
C PHE B 104 -20.95 40.36 2.47
N LEU B 105 -19.95 39.64 2.97
CA LEU B 105 -20.14 38.89 4.20
C LEU B 105 -20.03 39.74 5.48
N ILE B 106 -19.11 40.68 5.50
CA ILE B 106 -18.97 41.44 6.74
C ILE B 106 -20.13 42.46 6.83
N PRO B 107 -20.36 43.26 5.76
CA PRO B 107 -21.53 44.20 5.80
C PRO B 107 -22.91 43.63 6.18
N ASN B 108 -23.16 42.36 5.88
CA ASN B 108 -24.47 41.71 6.11
C ASN B 108 -24.51 40.82 7.37
N ALA B 109 -23.43 40.81 8.15
CA ALA B 109 -23.24 39.89 9.27
C ALA B 109 -24.36 39.83 10.36
N SER B 110 -24.67 40.95 11.02
CA SER B 110 -25.78 41.04 12.02
C SER B 110 -25.47 40.54 13.45
N GLN B 111 -25.52 39.23 13.67
CA GLN B 111 -25.13 38.65 14.95
C GLN B 111 -23.61 38.77 15.18
N ALA B 112 -23.24 38.87 16.44
CA ALA B 112 -21.81 38.95 16.82
C ALA B 112 -21.04 37.71 16.36
N GLU B 113 -21.61 36.51 16.58
CA GLU B 113 -21.09 35.23 16.04
C GLU B 113 -20.46 35.37 14.66
N SER B 114 -21.29 35.81 13.72
CA SER B 114 -20.90 35.97 12.31
C SER B 114 -19.85 37.06 12.09
N LYS B 115 -19.98 38.17 12.83
CA LYS B 115 -19.05 39.25 12.65
C LYS B 115 -17.64 38.78 13.02
N VAL B 116 -17.53 38.07 14.13
CA VAL B 116 -16.32 37.46 14.63
C VAL B 116 -15.85 36.34 13.68
N PHE B 117 -16.73 35.42 13.30
CA PHE B 117 -16.42 34.46 12.18
C PHE B 117 -15.80 35.12 10.95
N TYR B 118 -16.50 36.05 10.31
CA TYR B 118 -15.96 36.74 9.16
C TYR B 118 -14.69 37.59 9.35
N LEU B 119 -14.65 38.40 10.40
CA LEU B 119 -13.44 39.17 10.72
C LEU B 119 -12.23 38.20 10.98
N LYS B 120 -12.41 37.12 11.75
CA LYS B 120 -11.41 36.03 11.89
C LYS B 120 -10.97 35.52 10.48
N MET B 121 -11.95 35.18 9.63
CA MET B 121 -11.70 34.82 8.29
C MET B 121 -10.87 35.87 7.52
N LYS B 122 -11.15 37.15 7.75
CA LYS B 122 -10.43 38.24 7.09
C LYS B 122 -9.01 38.28 7.63
N GLY B 123 -8.88 38.14 8.95
CA GLY B 123 -7.57 37.98 9.60
C GLY B 123 -6.77 36.88 8.89
N ASP B 124 -7.43 35.74 8.73
CA ASP B 124 -6.80 34.53 8.14
C ASP B 124 -6.31 34.76 6.72
N TYR B 125 -7.21 35.27 5.88
CA TYR B 125 -6.80 35.42 4.51
C TYR B 125 -5.74 36.52 4.29
N TYR B 126 -5.77 37.59 5.10
CA TYR B 126 -4.59 38.48 5.11
C TYR B 126 -3.32 37.86 5.69
N ARG B 127 -3.47 36.99 6.69
CA ARG B 127 -2.32 36.25 7.19
C ARG B 127 -1.68 35.42 6.11
N TYR B 128 -2.50 34.68 5.36
CA TYR B 128 -1.94 33.89 4.27
C TYR B 128 -1.23 34.76 3.22
N LEU B 129 -1.75 35.99 2.97
CA LEU B 129 -0.99 36.93 2.10
C LEU B 129 0.31 37.36 2.75
N ALA B 130 0.29 37.60 4.06
CA ALA B 130 1.50 37.95 4.81
C ALA B 130 2.54 36.88 4.73
N GLU B 131 2.13 35.61 4.64
CA GLU B 131 3.10 34.55 4.48
C GLU B 131 3.99 34.70 3.24
N VAL B 132 3.49 35.27 2.16
CA VAL B 132 4.20 35.35 0.88
C VAL B 132 4.56 36.79 0.48
N ALA B 133 4.18 37.78 1.29
CA ALA B 133 4.35 39.17 0.88
C ALA B 133 5.75 39.63 1.29
N ALA B 134 6.38 40.39 0.40
N ASP B 136 7.27 45.38 -0.68
CA ASP B 136 7.00 46.63 0.05
C ASP B 136 5.52 46.80 0.46
N ASP B 137 4.65 45.86 0.10
CA ASP B 137 3.27 45.86 0.59
C ASP B 137 3.06 44.93 1.80
N LYS B 138 4.15 44.46 2.42
CA LYS B 138 4.12 43.58 3.62
C LYS B 138 3.50 44.23 4.84
N LYS B 139 4.10 45.33 5.32
CA LYS B 139 3.47 46.17 6.33
C LYS B 139 2.24 46.62 5.58
N GLY B 140 1.08 46.56 6.19
CA GLY B 140 -0.07 46.93 5.39
C GLY B 140 -0.96 45.73 5.25
N ILE B 141 -0.48 44.72 4.51
CA ILE B 141 -1.12 43.38 4.56
C ILE B 141 -1.10 42.92 6.02
N VAL B 142 0.05 43.01 6.67
CA VAL B 142 0.16 42.55 8.08
C VAL B 142 -0.77 43.36 9.02
N ASP B 143 -0.82 44.66 8.78
CA ASP B 143 -1.71 45.56 9.53
C ASP B 143 -3.18 45.25 9.32
N GLN B 144 -3.59 44.92 8.09
CA GLN B 144 -5.02 44.59 7.85
C GLN B 144 -5.36 43.31 8.62
N SER B 145 -4.40 42.38 8.67
CA SER B 145 -4.61 41.11 9.34
C SER B 145 -4.82 41.37 10.81
N GLN B 146 -3.87 42.08 11.37
CA GLN B 146 -3.95 42.41 12.77
C GLN B 146 -5.19 43.10 13.12
N GLN B 147 -5.58 44.05 12.27
CA GLN B 147 -6.71 44.95 12.59
C GLN B 147 -7.98 44.14 12.59
N ALA B 148 -8.10 43.18 11.65
CA ALA B 148 -9.29 42.31 11.59
C ALA B 148 -9.35 41.34 12.77
N TYR B 149 -8.23 40.69 13.13
CA TYR B 149 -8.20 39.82 14.27
C TYR B 149 -8.55 40.64 15.60
N GLN B 150 -7.99 41.83 15.72
CA GLN B 150 -8.19 42.65 16.97
C GLN B 150 -9.66 42.94 17.21
N GLU B 151 -10.34 43.37 16.15
CA GLU B 151 -11.77 43.68 16.21
C GLU B 151 -12.60 42.50 16.52
N ALA B 152 -12.28 41.38 15.85
CA ALA B 152 -12.94 40.13 16.17
C ALA B 152 -12.68 39.74 17.61
N PHE B 153 -11.44 39.87 18.06
CA PHE B 153 -11.10 39.54 19.45
C PHE B 153 -11.93 40.39 20.47
N GLU B 154 -11.96 41.70 20.24
CA GLU B 154 -12.67 42.64 21.10
C GLU B 154 -14.16 42.24 21.19
N ILE B 155 -14.81 42.03 20.04
CA ILE B 155 -16.16 41.59 20.00
C ILE B 155 -16.29 40.29 20.74
N SER B 156 -15.42 39.30 20.47
CA SER B 156 -15.59 37.98 21.08
C SER B 156 -15.50 38.00 22.60
N LYS B 157 -14.53 38.75 23.11
CA LYS B 157 -14.40 39.04 24.56
C LYS B 157 -15.73 39.52 25.16
N LYS B 158 -16.36 40.49 24.53
CA LYS B 158 -17.57 41.11 25.07
C LYS B 158 -18.85 40.27 24.85
N GLU B 159 -18.94 39.52 23.75
CA GLU B 159 -20.24 38.97 23.34
C GLU B 159 -20.24 37.44 23.23
N MET B 160 -19.21 36.74 23.72
CA MET B 160 -19.17 35.29 23.54
C MET B 160 -18.62 34.61 24.75
N GLN B 161 -19.16 33.44 25.05
CA GLN B 161 -18.56 32.60 26.08
C GLN B 161 -17.11 32.18 25.70
N PRO B 162 -16.21 32.07 26.71
CA PRO B 162 -14.84 31.59 26.45
C PRO B 162 -14.70 30.20 25.82
N THR B 163 -15.72 29.35 25.99
CA THR B 163 -15.72 28.01 25.40
C THR B 163 -16.29 28.01 23.99
N HIS B 164 -16.72 29.15 23.49
CA HIS B 164 -17.29 29.16 22.13
C HIS B 164 -16.24 28.83 21.09
N PRO B 165 -16.52 27.82 20.20
CA PRO B 165 -15.45 27.45 19.26
C PRO B 165 -15.01 28.55 18.30
N ILE B 166 -15.86 29.50 17.98
CA ILE B 166 -15.47 30.57 17.11
C ILE B 166 -14.53 31.43 17.94
N ARG B 167 -14.90 31.66 19.19
CA ARG B 167 -14.02 32.42 20.11
C ARG B 167 -12.65 31.76 20.27
N LEU B 168 -12.63 30.50 20.60
CA LEU B 168 -11.37 29.76 20.68
C LEU B 168 -10.53 29.73 19.39
N GLY B 169 -11.19 29.54 18.26
CA GLY B 169 -10.50 29.45 16.96
C GLY B 169 -9.91 30.77 16.59
N LEU B 170 -10.58 31.87 16.95
CA LEU B 170 -9.99 33.18 16.75
C LEU B 170 -8.75 33.38 17.62
N ALA B 171 -8.85 33.02 18.90
CA ALA B 171 -7.66 33.12 19.77
C ALA B 171 -6.49 32.27 19.24
N LEU B 172 -6.80 31.07 18.79
CA LEU B 172 -5.80 30.17 18.24
C LEU B 172 -5.07 30.81 17.03
N ASN B 173 -5.86 31.30 16.10
CA ASN B 173 -5.30 31.85 14.85
C ASN B 173 -4.63 33.18 15.08
N PHE B 174 -5.22 33.98 15.97
CA PHE B 174 -4.59 35.29 16.33
C PHE B 174 -3.20 35.03 16.98
N SER B 175 -3.13 33.99 17.84
CA SER B 175 -1.86 33.65 18.53
C SER B 175 -0.80 33.14 17.49
N VAL B 176 -1.26 32.34 16.53
CA VAL B 176 -0.43 31.95 15.40
C VAL B 176 0.08 33.16 14.61
N PHE B 177 -0.81 34.16 14.37
CA PHE B 177 -0.44 35.37 13.65
C PHE B 177 0.73 36.07 14.39
N TYR B 178 0.61 36.16 15.71
CA TYR B 178 1.70 36.83 16.53
C TYR B 178 3.00 36.06 16.44
N TYR B 179 2.89 34.74 16.58
CA TYR B 179 4.03 33.89 16.58
C TYR B 179 4.70 33.86 15.22
N GLU B 180 3.94 33.56 14.17
CA GLU B 180 4.46 33.37 12.80
C GLU B 180 4.71 34.64 11.95
N ILE B 181 3.85 35.64 12.04
CA ILE B 181 3.93 36.79 11.16
C ILE B 181 4.65 37.93 11.89
N LEU B 182 4.35 38.13 13.18
CA LEU B 182 5.00 39.20 13.94
C LEU B 182 6.15 38.74 14.84
N ASN B 183 6.57 37.48 14.75
CA ASN B 183 7.77 37.04 15.47
C ASN B 183 7.69 37.44 16.97
N SER B 184 6.55 37.17 17.60
CA SER B 184 6.25 37.65 18.96
C SER B 184 5.80 36.49 19.85
N PRO B 185 6.73 35.61 20.26
CA PRO B 185 6.33 34.38 20.89
C PRO B 185 5.65 34.61 22.23
N GLU B 186 6.09 35.62 22.98
CA GLU B 186 5.58 35.85 24.32
C GLU B 186 4.15 36.28 24.29
N LYS B 187 3.85 37.24 23.44
CA LYS B 187 2.46 37.65 23.17
C LYS B 187 1.64 36.42 22.65
N ALA B 188 2.18 35.64 21.72
CA ALA B 188 1.40 34.51 21.17
C ALA B 188 1.05 33.52 22.26
N CYS B 189 2.03 33.23 23.10
CA CYS B 189 1.82 32.29 24.21
C CYS B 189 0.83 32.88 25.20
N SER B 190 0.98 34.14 25.55
CA SER B 190 0.03 34.74 26.50
C SER B 190 -1.39 34.76 25.97
N LEU B 191 -1.55 34.94 24.66
CA LEU B 191 -2.89 34.98 24.05
C LEU B 191 -3.56 33.59 24.10
N ALA B 192 -2.81 32.56 23.70
CA ALA B 192 -3.33 31.18 23.71
C ALA B 192 -3.56 30.64 25.10
N LYS B 193 -2.59 30.88 26.00
CA LYS B 193 -2.72 30.43 27.39
C LYS B 193 -3.98 31.04 28.06
N THR B 194 -4.14 32.35 27.96
CA THR B 194 -5.32 33.03 28.48
C THR B 194 -6.65 32.52 27.89
N ALA B 195 -6.68 32.33 26.58
CA ALA B 195 -7.86 31.70 25.95
C ALA B 195 -8.13 30.33 26.52
N PHE B 196 -7.09 29.50 26.62
CA PHE B 196 -7.23 28.17 27.18
C PHE B 196 -7.70 28.24 28.63
N ASP B 197 -7.04 29.08 29.41
CA ASP B 197 -7.37 29.23 30.85
C ASP B 197 -8.82 29.66 31.14
N GLU B 198 -9.33 30.61 30.36
CA GLU B 198 -10.69 31.09 30.48
C GLU B 198 -11.67 29.99 30.09
N ALA B 199 -11.36 29.22 29.05
CA ALA B 199 -12.25 28.14 28.63
C ALA B 199 -12.32 27.07 29.67
N ILE B 200 -11.16 26.59 30.15
CA ILE B 200 -11.17 25.52 31.13
C ILE B 200 -11.89 25.95 32.45
N ALA B 201 -11.75 27.21 32.85
CA ALA B 201 -12.45 27.69 34.02
C ALA B 201 -13.95 27.69 33.74
N GLU B 202 -14.38 28.14 32.55
CA GLU B 202 -15.80 28.08 32.20
C GLU B 202 -16.29 26.64 32.27
N LEU B 203 -15.53 25.67 31.75
CA LEU B 203 -15.98 24.27 31.79
C LEU B 203 -16.38 23.73 33.17
N ASP B 204 -16.07 24.45 34.25
CA ASP B 204 -16.71 24.22 35.60
C ASP B 204 -17.90 25.18 35.85
N THR B 205 -17.69 26.44 35.46
CA THR B 205 -18.68 27.54 35.47
C THR B 205 -19.54 27.73 34.19
N SER B 210 -21.66 26.50 21.82
CA SER B 210 -20.40 26.75 22.49
C SER B 210 -19.63 25.47 22.87
N TYR B 211 -19.99 24.30 22.33
CA TYR B 211 -19.68 23.05 23.06
C TYR B 211 -19.02 21.89 22.27
N LYS B 212 -19.70 21.35 21.25
CA LYS B 212 -19.21 20.12 20.55
C LYS B 212 -17.71 20.17 20.25
N ASP B 213 -17.27 21.29 19.66
CA ASP B 213 -15.88 21.47 19.21
C ASP B 213 -15.02 22.29 20.16
N SER B 214 -15.52 22.53 21.37
CA SER B 214 -14.73 23.26 22.36
C SER B 214 -13.43 22.51 22.65
N THR B 215 -13.54 21.25 23.05
CA THR B 215 -12.38 20.37 23.36
C THR B 215 -11.33 20.25 22.21
N LEU B 216 -11.79 20.14 20.99
CA LEU B 216 -10.92 20.03 19.81
C LEU B 216 -10.03 21.29 19.67
N ILE B 217 -10.65 22.49 19.62
CA ILE B 217 -9.85 23.72 19.49
C ILE B 217 -8.97 23.98 20.74
N MET B 218 -9.48 23.73 21.94
CA MET B 218 -8.71 23.83 23.18
C MET B 218 -7.47 22.96 23.11
N GLN B 219 -7.63 21.78 22.49
CA GLN B 219 -6.53 20.85 22.34
C GLN B 219 -5.47 21.41 21.37
N LEU B 220 -5.89 22.17 20.36
CA LEU B 220 -4.91 22.82 19.46
C LEU B 220 -4.21 23.94 20.17
N LEU B 221 -4.89 24.70 21.04
CA LEU B 221 -4.21 25.72 21.83
C LEU B 221 -3.14 25.11 22.72
N ARG B 222 -3.49 24.01 23.38
CA ARG B 222 -2.54 23.32 24.31
C ARG B 222 -1.40 22.72 23.55
N ASP B 223 -1.70 22.08 22.41
CA ASP B 223 -0.62 21.57 21.53
C ASP B 223 0.39 22.61 21.11
N ASN B 224 -0.07 23.76 20.61
CA ASN B 224 0.85 24.91 20.31
C ASN B 224 1.59 25.45 21.52
N LEU B 225 0.90 25.54 22.63
CA LEU B 225 1.52 25.98 23.89
C LEU B 225 2.66 25.05 24.27
N THR B 226 2.43 23.75 24.26
CA THR B 226 3.49 22.72 24.46
C THR B 226 4.72 22.93 23.52
N LEU B 227 4.44 23.21 22.24
CA LEU B 227 5.48 23.43 21.24
C LEU B 227 6.29 24.62 21.54
N TRP B 228 5.63 25.72 21.82
CA TRP B 228 6.29 26.98 21.96
C TRP B 228 7.10 27.12 23.27
N THR B 229 6.74 26.36 24.30
CA THR B 229 7.39 26.45 25.61
C THR B 229 8.28 25.25 25.88
N SER B 230 8.73 24.53 24.83
CA SER B 230 9.68 23.39 24.99
C SER B 230 10.94 23.54 24.13
N ARG C 3 9.31 24.17 13.50
CA ARG C 3 7.98 23.47 13.61
C ARG C 3 6.88 24.50 13.48
N ARG C 4 5.90 24.27 12.59
CA ARG C 4 4.79 25.17 12.47
C ARG C 4 3.73 24.85 13.54
N PRO C 5 2.96 25.90 13.96
CA PRO C 5 1.85 25.65 14.87
C PRO C 5 0.63 25.27 14.04
N GLU C 6 -0.35 24.67 14.71
CA GLU C 6 -1.66 24.37 14.13
C GLU C 6 -2.60 25.56 14.22
N SEP C 7 -3.42 25.80 13.19
CA SEP C 7 -4.43 26.87 13.23
CB SEP C 7 -4.10 27.72 12.01
OG SEP C 7 -4.27 26.96 10.79
C SEP C 7 -5.78 26.17 13.22
O SEP C 7 -5.85 24.91 13.24
P SEP C 7 -3.97 27.74 9.43
O1P SEP C 7 -4.09 26.66 8.31
O2P SEP C 7 -5.04 28.82 9.28
O3P SEP C 7 -2.56 28.31 9.51
N ALA C 8 -6.84 26.94 13.22
CA ALA C 8 -8.17 26.44 13.44
C ALA C 8 -8.58 25.59 12.24
N PRO C 9 -9.43 24.58 12.46
CA PRO C 9 -10.04 23.89 11.30
C PRO C 9 -11.19 24.71 10.74
N ALA C 10 -11.66 24.39 9.54
CA ALA C 10 -12.82 25.08 8.96
C ALA C 10 -14.20 24.67 9.59
N GLU C 11 -14.26 24.56 10.92
CA GLU C 11 -15.46 24.26 11.74
C GLU C 11 -16.29 23.05 11.27
N ASP D 2 29.34 -11.58 18.09
CA ASP D 2 28.87 -10.46 18.98
C ASP D 2 27.35 -10.16 18.85
N LYS D 3 26.96 -8.95 19.25
CA LYS D 3 25.72 -8.32 18.80
C LYS D 3 25.79 -8.26 17.28
N ASN D 4 26.93 -7.81 16.74
CA ASN D 4 27.13 -7.67 15.26
C ASN D 4 26.86 -8.98 14.53
N GLU D 5 27.25 -10.11 15.10
CA GLU D 5 26.96 -11.42 14.53
C GLU D 5 25.47 -11.78 14.57
N LEU D 6 24.79 -11.46 15.66
CA LEU D 6 23.35 -11.67 15.77
C LEU D 6 22.51 -10.84 14.78
N VAL D 7 22.98 -9.62 14.48
CA VAL D 7 22.31 -8.72 13.52
C VAL D 7 22.62 -9.18 12.12
N GLN D 8 23.87 -9.55 11.87
CA GLN D 8 24.22 -10.15 10.60
C GLN D 8 23.31 -11.38 10.34
N LYS D 9 23.12 -12.25 11.36
CA LYS D 9 22.26 -13.45 11.22
C LYS D 9 20.81 -13.07 10.88
N ALA D 10 20.35 -12.07 11.62
CA ALA D 10 19.01 -11.54 11.43
C ALA D 10 18.77 -11.03 10.01
N LYS D 11 19.74 -10.30 9.45
CA LYS D 11 19.64 -9.86 8.06
C LYS D 11 19.58 -10.97 7.04
N LEU D 12 20.34 -12.02 7.28
CA LEU D 12 20.31 -13.20 6.42
C LEU D 12 18.91 -13.88 6.45
N ALA D 13 18.41 -14.04 7.65
CA ALA D 13 17.11 -14.65 7.92
C ALA D 13 16.06 -13.82 7.24
N GLU D 14 16.19 -12.51 7.40
CA GLU D 14 15.33 -11.59 6.64
C GLU D 14 15.29 -11.81 5.12
N GLN D 15 16.43 -11.89 4.49
CA GLN D 15 16.48 -12.16 3.09
C GLN D 15 15.88 -13.50 2.74
N ALA D 16 16.04 -14.47 3.63
CA ALA D 16 15.55 -15.84 3.37
C ALA D 16 14.06 -16.05 3.73
N GLU D 17 13.42 -15.03 4.29
CA GLU D 17 12.04 -15.06 4.73
C GLU D 17 11.88 -16.05 5.86
N ARG D 18 12.89 -16.10 6.72
CA ARG D 18 12.87 -17.01 7.86
C ARG D 18 12.64 -16.23 9.13
N TYR D 19 11.39 -15.90 9.42
CA TYR D 19 11.16 -14.85 10.37
C TYR D 19 11.26 -15.28 11.78
N ASP D 20 11.02 -16.57 12.07
CA ASP D 20 11.21 -17.06 13.40
C ASP D 20 12.70 -16.93 13.77
N ASP D 21 13.56 -17.34 12.85
CA ASP D 21 15.00 -17.25 13.06
C ASP D 21 15.39 -15.77 13.31
N MET D 22 14.85 -14.87 12.47
CA MET D 22 15.14 -13.40 12.52
C MET D 22 14.73 -12.84 13.90
N ALA D 23 13.53 -13.23 14.31
CA ALA D 23 12.98 -12.83 15.61
C ALA D 23 13.79 -13.35 16.81
N ALA D 24 14.36 -14.57 16.70
CA ALA D 24 15.15 -15.17 17.79
C ALA D 24 16.42 -14.37 17.91
N CYS D 25 17.05 -14.07 16.78
CA CYS D 25 18.22 -13.15 16.80
C CYS D 25 17.95 -11.79 17.45
N MET D 26 16.96 -11.08 16.92
CA MET D 26 16.71 -9.76 17.39
C MET D 26 16.23 -9.77 18.84
N LYS D 27 15.60 -10.85 19.32
CA LYS D 27 15.29 -10.92 20.74
C LYS D 27 16.57 -10.99 21.57
N SER D 28 17.54 -11.78 21.08
CA SER D 28 18.81 -11.88 21.80
C SER D 28 19.59 -10.58 21.78
N VAL D 29 19.63 -9.89 20.64
CA VAL D 29 20.20 -8.53 20.57
C VAL D 29 19.52 -7.59 21.59
N THR D 30 18.20 -7.67 21.69
CA THR D 30 17.46 -6.82 22.63
C THR D 30 17.82 -7.09 24.10
N GLU D 31 17.98 -8.38 24.42
CA GLU D 31 18.32 -8.82 25.77
C GLU D 31 19.74 -8.57 26.24
N GLN D 32 20.64 -8.20 25.32
CA GLN D 32 21.96 -7.65 25.68
C GLN D 32 21.90 -6.30 26.38
N GLY D 33 20.75 -5.63 26.31
CA GLY D 33 20.47 -4.47 27.13
C GLY D 33 21.00 -3.14 26.63
N ALA D 34 21.67 -3.11 25.47
CA ALA D 34 21.98 -1.84 24.79
C ALA D 34 20.81 -1.27 23.93
N GLU D 35 20.78 0.06 23.77
CA GLU D 35 19.77 0.70 22.94
C GLU D 35 19.97 0.28 21.53
N LEU D 36 18.89 -0.06 20.86
CA LEU D 36 18.96 -0.52 19.49
C LEU D 36 19.15 0.65 18.54
N SER D 37 19.99 0.46 17.52
CA SER D 37 20.09 1.42 16.38
C SER D 37 18.80 1.49 15.56
N ASN D 38 18.73 2.41 14.58
CA ASN D 38 17.54 2.52 13.71
C ASN D 38 17.35 1.27 12.88
N GLU D 39 18.46 0.76 12.35
CA GLU D 39 18.51 -0.51 11.64
C GLU D 39 18.07 -1.68 12.53
N GLU D 40 18.57 -1.70 13.76
CA GLU D 40 18.22 -2.77 14.68
C GLU D 40 16.73 -2.73 15.02
N ARG D 41 16.21 -1.55 15.40
CA ARG D 41 14.74 -1.37 15.59
C ARG D 41 13.92 -1.95 14.44
N ASN D 42 14.27 -1.54 13.24
CA ASN D 42 13.54 -1.97 12.06
C ASN D 42 13.56 -3.47 11.90
N LEU D 43 14.69 -4.08 12.26
CA LEU D 43 14.82 -5.54 12.11
C LEU D 43 13.97 -6.26 13.17
N LEU D 44 14.01 -5.80 14.43
CA LEU D 44 13.10 -6.31 15.44
C LEU D 44 11.63 -6.24 14.95
N SER D 45 11.25 -5.04 14.54
CA SER D 45 9.89 -4.78 14.07
C SER D 45 9.51 -5.69 12.86
N VAL D 46 10.33 -5.78 11.82
CA VAL D 46 10.02 -6.66 10.67
C VAL D 46 9.83 -8.11 11.11
N ALA D 47 10.72 -8.57 11.99
CA ALA D 47 10.73 -9.94 12.43
C ALA D 47 9.42 -10.25 13.11
N TYR D 48 9.12 -9.49 14.15
CA TYR D 48 7.93 -9.77 14.86
C TYR D 48 6.66 -9.51 14.05
N LYS D 49 6.65 -8.45 13.22
CA LYS D 49 5.50 -8.13 12.34
C LYS D 49 5.10 -9.35 11.47
N ASN D 50 6.10 -10.04 10.88
CA ASN D 50 5.87 -11.19 10.05
C ASN D 50 5.52 -12.50 10.80
N VAL D 51 6.18 -12.75 11.94
CA VAL D 51 5.84 -13.86 12.81
C VAL D 51 4.39 -13.72 13.28
N VAL D 52 4.01 -12.56 13.80
CA VAL D 52 2.63 -12.46 14.22
C VAL D 52 1.63 -12.39 13.05
N GLY D 53 2.06 -11.76 11.96
CA GLY D 53 1.19 -11.55 10.77
C GLY D 53 0.74 -12.84 10.19
N ALA D 54 1.62 -13.85 10.23
CA ALA D 54 1.22 -15.14 9.72
C ALA D 54 0.11 -15.74 10.55
N ARG D 55 0.15 -15.56 11.88
CA ARG D 55 -0.94 -16.06 12.70
C ARG D 55 -2.18 -15.25 12.52
N ARG D 56 -2.05 -13.94 12.40
CA ARG D 56 -3.27 -13.12 12.28
C ARG D 56 -4.01 -13.45 10.98
N SER D 57 -3.22 -13.62 9.92
CA SER D 57 -3.74 -14.03 8.59
C SER D 57 -4.46 -15.35 8.68
N SER D 58 -3.85 -16.36 9.32
CA SER D 58 -4.50 -17.69 9.43
C SER D 58 -5.74 -17.65 10.35
N TRP D 59 -5.64 -16.86 11.41
CA TRP D 59 -6.74 -16.70 12.35
C TRP D 59 -7.99 -16.13 11.67
N ARG D 60 -7.80 -15.11 10.84
CA ARG D 60 -8.90 -14.49 10.11
C ARG D 60 -9.63 -15.46 9.19
N VAL D 61 -8.88 -16.36 8.52
CA VAL D 61 -9.46 -17.36 7.67
C VAL D 61 -10.17 -18.36 8.50
N VAL D 62 -9.53 -18.85 9.57
CA VAL D 62 -10.13 -19.93 10.32
C VAL D 62 -11.33 -19.42 11.11
N SER D 63 -11.24 -18.20 11.65
CA SER D 63 -12.38 -17.65 12.40
C SER D 63 -13.60 -17.50 11.46
N SER D 64 -13.36 -16.94 10.29
CA SER D 64 -14.39 -16.80 9.30
C SER D 64 -15.00 -18.17 8.90
N ILE D 65 -14.17 -19.21 8.84
CA ILE D 65 -14.68 -20.55 8.47
C ILE D 65 -15.57 -21.10 9.59
N GLU D 66 -15.12 -20.95 10.82
CA GLU D 66 -15.88 -21.38 12.01
C GLU D 66 -17.27 -20.76 12.10
N GLN D 67 -17.40 -19.50 11.67
CA GLN D 67 -18.67 -18.78 11.64
C GLN D 67 -19.58 -19.15 10.43
N LYS D 68 -19.01 -19.68 9.34
CA LYS D 68 -19.83 -20.17 8.20
C LYS D 68 -20.44 -21.56 8.47
C GLU D 73 -20.39 -29.93 13.61
N LYS D 74 -19.88 -31.16 13.48
CA LYS D 74 -18.45 -31.42 13.29
C LYS D 74 -17.99 -30.75 11.98
N LYS D 75 -16.88 -30.03 12.07
CA LYS D 75 -16.39 -29.10 11.05
C LYS D 75 -16.20 -27.80 11.82
N GLN D 76 -17.30 -27.29 12.36
CA GLN D 76 -17.26 -26.15 13.26
C GLN D 76 -16.32 -26.43 14.41
N GLN D 77 -16.35 -27.64 14.97
CA GLN D 77 -15.50 -27.98 16.11
C GLN D 77 -14.03 -28.00 15.75
N MET D 78 -13.69 -28.67 14.64
CA MET D 78 -12.34 -28.64 14.16
C MET D 78 -11.86 -27.17 14.02
N ALA D 79 -12.66 -26.35 13.38
CA ALA D 79 -12.31 -24.98 13.10
C ALA D 79 -12.09 -24.18 14.41
N ARG D 80 -12.97 -24.39 15.38
CA ARG D 80 -12.81 -23.83 16.71
C ARG D 80 -11.49 -24.24 17.33
N GLU D 81 -11.22 -25.55 17.40
CA GLU D 81 -9.96 -26.02 17.98
C GLU D 81 -8.72 -25.48 17.29
N TYR D 82 -8.79 -25.31 15.96
CA TYR D 82 -7.64 -24.86 15.21
C TYR D 82 -7.45 -23.39 15.45
N ARG D 83 -8.54 -22.64 15.47
CA ARG D 83 -8.53 -21.23 15.88
C ARG D 83 -7.86 -21.06 17.27
N GLU D 84 -8.21 -21.96 18.19
CA GLU D 84 -7.69 -21.88 19.55
C GLU D 84 -6.21 -22.12 19.58
N LYS D 85 -5.75 -23.06 18.76
CA LYS D 85 -4.33 -23.33 18.59
C LYS D 85 -3.55 -22.14 18.03
N ILE D 86 -4.11 -21.56 16.97
CA ILE D 86 -3.54 -20.36 16.36
C ILE D 86 -3.50 -19.22 17.39
N GLU D 87 -4.58 -19.04 18.16
CA GLU D 87 -4.61 -18.02 19.21
C GLU D 87 -3.48 -18.22 20.26
N THR D 88 -3.24 -19.48 20.66
CA THR D 88 -2.16 -19.75 21.58
C THR D 88 -0.85 -19.25 21.09
N GLU D 89 -0.56 -19.52 19.83
CA GLU D 89 0.66 -19.03 19.19
C GLU D 89 0.69 -17.50 19.16
N LEU D 90 -0.40 -16.94 18.68
CA LEU D 90 -0.52 -15.46 18.54
C LEU D 90 -0.29 -14.77 19.91
N ARG D 91 -0.91 -15.28 20.95
CA ARG D 91 -0.72 -14.75 22.30
C ARG D 91 0.73 -14.88 22.77
N ASP D 92 1.41 -15.96 22.37
CA ASP D 92 2.75 -16.26 22.85
C ASP D 92 3.70 -15.23 22.23
N ILE D 93 3.47 -14.97 20.93
CA ILE D 93 4.25 -14.03 20.14
C ILE D 93 4.08 -12.58 20.67
N CYS D 94 2.86 -12.14 20.87
CA CYS D 94 2.59 -10.79 21.42
C CYS D 94 3.19 -10.62 22.81
N ASN D 95 2.98 -11.64 23.64
CA ASN D 95 3.50 -11.66 25.00
C ASN D 95 4.98 -11.55 24.99
N ASP D 96 5.64 -12.22 24.06
CA ASP D 96 7.07 -12.12 23.89
C ASP D 96 7.52 -10.68 23.59
N VAL D 97 6.90 -10.05 22.56
CA VAL D 97 7.31 -8.72 22.10
C VAL D 97 7.00 -7.70 23.18
N LEU D 98 5.82 -7.78 23.74
CA LEU D 98 5.38 -6.85 24.80
C LEU D 98 6.27 -6.88 26.05
N SER D 99 6.75 -8.07 26.35
CA SER D 99 7.76 -8.24 27.41
C SER D 99 9.11 -7.52 27.13
N LEU D 100 9.69 -7.72 25.96
CA LEU D 100 10.84 -6.96 25.54
C LEU D 100 10.65 -5.45 25.58
N LEU D 101 9.46 -5.02 25.18
CA LEU D 101 9.21 -3.61 24.98
C LEU D 101 9.24 -3.04 26.39
N GLU D 102 8.57 -3.76 27.31
CA GLU D 102 8.38 -3.33 28.72
C GLU D 102 9.66 -3.52 29.56
N LYS D 103 10.51 -4.50 29.25
CA LYS D 103 11.75 -4.75 30.01
C LYS D 103 12.95 -3.93 29.54
N PHE D 104 13.22 -3.84 28.23
CA PHE D 104 14.44 -3.21 27.73
C PHE D 104 14.26 -1.96 26.86
N LEU D 105 13.22 -1.97 26.02
CA LEU D 105 13.18 -1.11 24.88
C LEU D 105 12.59 0.23 25.27
N ILE D 106 11.47 0.22 25.97
CA ILE D 106 10.85 1.47 26.36
C ILE D 106 11.64 2.16 27.53
N PRO D 107 12.03 1.41 28.59
CA PRO D 107 12.92 2.00 29.65
C PRO D 107 14.19 2.66 29.17
N ASN D 108 14.89 2.01 28.23
CA ASN D 108 16.19 2.50 27.77
C ASN D 108 16.17 3.42 26.52
N ALA D 109 14.96 3.75 26.02
CA ALA D 109 14.82 4.61 24.87
C ALA D 109 15.23 6.03 25.25
N SER D 110 16.38 6.48 24.76
CA SER D 110 16.92 7.78 25.17
C SER D 110 16.44 8.99 24.31
N GLN D 111 15.86 8.76 23.13
CA GLN D 111 15.37 9.84 22.26
C GLN D 111 13.88 9.66 21.98
N ALA D 112 13.21 10.73 21.54
CA ALA D 112 11.77 10.63 21.28
C ALA D 112 11.45 9.73 20.09
N GLU D 113 12.30 9.72 19.07
CA GLU D 113 12.15 8.81 17.91
C GLU D 113 11.86 7.42 18.40
N SER D 114 12.78 6.88 19.21
CA SER D 114 12.71 5.50 19.72
C SER D 114 11.52 5.25 20.64
N LYS D 115 11.34 6.15 21.61
CA LYS D 115 10.19 6.12 22.51
C LYS D 115 8.83 6.04 21.77
N VAL D 116 8.64 6.84 20.73
CA VAL D 116 7.39 6.81 19.96
C VAL D 116 7.32 5.48 19.18
N PHE D 117 8.41 5.10 18.57
CA PHE D 117 8.44 3.85 17.81
C PHE D 117 8.02 2.68 18.74
N TYR D 118 8.59 2.60 19.94
CA TYR D 118 8.32 1.45 20.85
C TYR D 118 6.97 1.55 21.51
N LEU D 119 6.57 2.75 21.93
CA LEU D 119 5.17 2.92 22.38
C LEU D 119 4.14 2.53 21.28
N LYS D 120 4.44 2.88 20.05
CA LYS D 120 3.53 2.57 18.93
C LYS D 120 3.42 1.06 18.82
N MET D 121 4.58 0.40 18.87
CA MET D 121 4.67 -1.06 18.83
C MET D 121 3.87 -1.67 19.95
N LYS D 122 3.91 -1.04 21.13
CA LYS D 122 3.22 -1.61 22.31
C LYS D 122 1.73 -1.54 22.04
N GLY D 123 1.33 -0.40 21.53
CA GLY D 123 -0.02 -0.23 21.03
C GLY D 123 -0.44 -1.25 20.02
N ASP D 124 0.42 -1.49 19.02
CA ASP D 124 0.17 -2.50 17.98
C ASP D 124 -0.06 -3.89 18.53
N TYR D 125 0.84 -4.36 19.41
CA TYR D 125 0.77 -5.75 19.93
C TYR D 125 -0.35 -6.03 20.90
N TYR D 126 -0.70 -5.03 21.74
CA TYR D 126 -1.97 -5.11 22.44
C TYR D 126 -3.18 -5.07 21.51
N ARG D 127 -3.09 -4.35 20.41
CA ARG D 127 -4.21 -4.31 19.47
C ARG D 127 -4.33 -5.69 18.82
N TYR D 128 -3.23 -6.39 18.57
CA TYR D 128 -3.29 -7.75 18.00
C TYR D 128 -3.93 -8.75 18.95
N LEU D 129 -3.53 -8.68 20.22
CA LEU D 129 -4.26 -9.37 21.28
C LEU D 129 -5.77 -9.04 21.39
N ALA D 130 -6.13 -7.77 21.27
CA ALA D 130 -7.54 -7.37 21.37
C ALA D 130 -8.33 -7.93 20.23
N GLU D 131 -7.72 -8.03 19.04
CA GLU D 131 -8.39 -8.61 17.85
C GLU D 131 -9.06 -9.95 18.17
N VAL D 132 -8.40 -10.78 18.98
CA VAL D 132 -8.86 -12.16 19.27
C VAL D 132 -9.40 -12.29 20.70
N ALA D 133 -9.35 -11.21 21.48
CA ALA D 133 -9.52 -11.25 22.97
C ALA D 133 -10.84 -11.82 23.44
N ALA D 134 -10.76 -12.77 24.38
CA ALA D 134 -11.88 -13.60 24.79
C ALA D 134 -13.14 -12.80 25.12
N GLY D 135 -13.19 -12.30 26.33
CA GLY D 135 -14.37 -11.61 26.84
C GLY D 135 -14.18 -10.86 28.15
N ASP D 136 -13.76 -11.58 29.20
CA ASP D 136 -13.74 -11.03 30.57
C ASP D 136 -13.16 -12.00 31.60
N LYS D 138 -9.21 -11.24 29.22
CA LYS D 138 -10.28 -10.23 29.34
C LYS D 138 -9.88 -8.99 28.51
N LYS D 139 -10.78 -8.61 27.62
CA LYS D 139 -10.62 -7.51 26.70
C LYS D 139 -10.09 -6.16 27.27
N GLY D 140 -10.19 -5.84 28.58
CA GLY D 140 -9.24 -4.83 29.29
C GLY D 140 -7.72 -4.74 28.86
N ILE D 141 -7.28 -5.61 27.95
CA ILE D 141 -6.11 -5.36 27.10
C ILE D 141 -6.35 -4.21 26.06
N VAL D 142 -7.61 -3.89 25.80
CA VAL D 142 -7.96 -2.72 24.99
C VAL D 142 -7.40 -1.47 25.66
N ASP D 143 -7.56 -1.37 27.00
CA ASP D 143 -7.01 -0.24 27.72
C ASP D 143 -5.53 -0.04 27.56
N GLN D 144 -4.78 -1.12 27.57
CA GLN D 144 -3.35 -1.02 27.44
C GLN D 144 -2.88 -0.52 26.05
N SER D 145 -3.54 -0.99 24.99
CA SER D 145 -3.23 -0.56 23.61
C SER D 145 -3.50 0.96 23.48
N GLN D 146 -4.68 1.40 23.94
CA GLN D 146 -5.02 2.82 23.94
C GLN D 146 -4.03 3.68 24.68
N GLN D 147 -3.59 3.25 25.86
CA GLN D 147 -2.66 4.08 26.68
C GLN D 147 -1.34 4.28 26.00
N ALA D 148 -0.81 3.21 25.41
CA ALA D 148 0.46 3.24 24.73
C ALA D 148 0.41 4.13 23.46
N TYR D 149 -0.61 3.95 22.63
CA TYR D 149 -0.91 4.85 21.45
C TYR D 149 -1.10 6.31 21.87
N GLN D 150 -1.85 6.54 22.93
CA GLN D 150 -2.09 7.91 23.36
C GLN D 150 -0.82 8.59 23.86
N GLU D 151 -0.04 7.90 24.68
CA GLU D 151 1.28 8.42 25.11
C GLU D 151 2.24 8.64 23.93
N ALA D 152 2.28 7.70 22.98
CA ALA D 152 3.02 7.91 21.75
C ALA D 152 2.59 9.14 20.97
N PHE D 153 1.28 9.35 20.87
CA PHE D 153 0.67 10.41 20.04
C PHE D 153 1.10 11.78 20.57
N GLU D 154 1.12 11.89 21.90
CA GLU D 154 1.44 13.17 22.57
C GLU D 154 2.91 13.52 22.45
N ILE D 155 3.79 12.51 22.54
CA ILE D 155 5.19 12.74 22.28
C ILE D 155 5.42 13.09 20.83
N SER D 156 4.78 12.36 19.92
CA SER D 156 5.02 12.62 18.49
C SER D 156 4.61 14.02 18.08
N LYS D 157 3.46 14.49 18.58
CA LYS D 157 2.97 15.83 18.24
C LYS D 157 3.94 16.93 18.77
N LYS D 158 4.46 16.74 19.98
CA LYS D 158 5.47 17.65 20.55
C LYS D 158 6.80 17.68 19.82
N GLU D 159 7.27 16.50 19.41
CA GLU D 159 8.68 16.28 19.02
C GLU D 159 8.94 16.09 17.51
N MET D 160 7.91 15.70 16.74
CA MET D 160 8.07 15.34 15.37
C MET D 160 7.27 16.22 14.48
N GLN D 161 7.85 16.46 13.31
CA GLN D 161 7.17 17.06 12.21
C GLN D 161 5.99 16.20 11.81
N PRO D 162 4.93 16.81 11.24
CA PRO D 162 3.74 16.07 10.73
C PRO D 162 3.95 15.10 9.55
N THR D 163 5.12 15.16 8.92
CA THR D 163 5.50 14.33 7.80
C THR D 163 6.44 13.21 8.21
N HIS D 164 6.85 13.19 9.47
CA HIS D 164 7.77 12.16 9.94
C HIS D 164 7.11 10.78 9.90
N PRO D 165 7.78 9.79 9.32
CA PRO D 165 7.05 8.53 9.05
C PRO D 165 6.62 7.80 10.31
N ILE D 166 7.38 7.96 11.39
CA ILE D 166 6.92 7.38 12.67
C ILE D 166 5.65 8.06 13.17
N ARG D 167 5.58 9.37 13.06
CA ARG D 167 4.37 10.06 13.54
C ARG D 167 3.22 9.65 12.70
N LEU D 168 3.44 9.66 11.37
CA LEU D 168 2.43 9.20 10.44
C LEU D 168 1.92 7.75 10.62
N GLY D 169 2.85 6.80 10.80
CA GLY D 169 2.49 5.41 11.00
C GLY D 169 1.66 5.25 12.26
N LEU D 170 2.00 6.05 13.29
CA LEU D 170 1.32 5.99 14.60
C LEU D 170 -0.10 6.49 14.45
N ALA D 171 -0.32 7.58 13.70
CA ALA D 171 -1.68 8.06 13.51
C ALA D 171 -2.52 7.05 12.73
N LEU D 172 -1.89 6.42 11.72
CA LEU D 172 -2.53 5.38 10.91
C LEU D 172 -3.02 4.25 11.82
N ASN D 173 -2.12 3.76 12.67
CA ASN D 173 -2.40 2.60 13.46
C ASN D 173 -3.34 2.94 14.55
N PHE D 174 -3.18 4.15 15.10
CA PHE D 174 -4.06 4.63 16.13
C PHE D 174 -5.50 4.84 15.58
N SER D 175 -5.58 5.34 14.34
CA SER D 175 -6.83 5.37 13.62
C SER D 175 -7.54 4.01 13.49
N VAL D 176 -6.80 3.01 13.02
CA VAL D 176 -7.31 1.65 12.91
C VAL D 176 -7.74 1.05 14.25
N PHE D 177 -6.98 1.26 15.30
CA PHE D 177 -7.45 0.95 16.64
C PHE D 177 -8.84 1.52 16.92
N TYR D 178 -9.07 2.81 16.62
CA TYR D 178 -10.36 3.43 16.96
C TYR D 178 -11.44 2.79 16.16
N TYR D 179 -11.15 2.58 14.87
CA TYR D 179 -12.10 1.97 13.98
C TYR D 179 -12.46 0.54 14.37
N GLU D 180 -11.47 -0.35 14.45
CA GLU D 180 -11.74 -1.79 14.61
C GLU D 180 -11.91 -2.30 16.03
N ILE D 181 -11.16 -1.76 16.97
CA ILE D 181 -11.21 -2.25 18.36
C ILE D 181 -12.24 -1.45 19.19
N LEU D 182 -12.26 -0.14 19.03
CA LEU D 182 -13.21 0.70 19.76
C LEU D 182 -14.53 0.92 19.01
N ASN D 183 -14.62 0.45 17.76
CA ASN D 183 -15.85 0.61 16.93
C ASN D 183 -16.34 2.08 16.93
N SER D 184 -15.39 2.99 16.79
CA SER D 184 -15.61 4.44 16.83
C SER D 184 -15.18 4.98 15.49
N PRO D 185 -16.04 4.81 14.43
CA PRO D 185 -15.63 5.34 13.10
C PRO D 185 -15.34 6.82 13.08
N GLU D 186 -16.03 7.63 13.89
CA GLU D 186 -15.86 9.09 13.72
C GLU D 186 -14.51 9.57 14.20
N LYS D 187 -14.12 9.08 15.37
CA LYS D 187 -12.80 9.32 15.88
C LYS D 187 -11.69 8.79 14.96
N ALA D 188 -11.89 7.61 14.42
CA ALA D 188 -10.92 7.05 13.50
C ALA D 188 -10.68 7.93 12.26
N CYS D 189 -11.78 8.34 11.59
CA CYS D 189 -11.71 9.21 10.39
C CYS D 189 -11.12 10.54 10.76
N SER D 190 -11.55 11.15 11.86
CA SER D 190 -11.05 12.43 12.30
C SER D 190 -9.51 12.48 12.50
N LEU D 191 -9.00 11.42 13.13
CA LEU D 191 -7.55 11.25 13.40
C LEU D 191 -6.78 11.02 12.11
N ALA D 192 -7.23 10.14 11.29
CA ALA D 192 -6.54 9.88 10.05
C ALA D 192 -6.60 11.11 9.12
N LYS D 193 -7.75 11.78 9.09
CA LYS D 193 -7.91 12.93 8.19
C LYS D 193 -6.99 14.11 8.63
N THR D 194 -6.98 14.42 9.92
CA THR D 194 -6.06 15.41 10.46
C THR D 194 -4.58 15.09 10.22
N ALA D 195 -4.18 13.82 10.30
CA ALA D 195 -2.77 13.47 10.17
C ALA D 195 -2.39 13.66 8.71
N PHE D 196 -3.32 13.30 7.83
CA PHE D 196 -3.09 13.43 6.38
C PHE D 196 -3.01 14.92 5.99
N ASP D 197 -3.99 15.71 6.45
CA ASP D 197 -4.08 17.12 6.04
C ASP D 197 -2.89 17.93 6.58
N GLU D 198 -2.42 17.62 7.79
CA GLU D 198 -1.29 18.30 8.35
C GLU D 198 0.00 18.01 7.66
N ALA D 199 0.15 16.79 7.17
CA ALA D 199 1.33 16.34 6.45
C ALA D 199 1.35 17.01 5.08
N ILE D 200 0.19 17.03 4.43
CA ILE D 200 0.10 17.65 3.09
C ILE D 200 0.40 19.17 3.23
N ALA D 201 -0.09 19.80 4.30
CA ALA D 201 0.19 21.23 4.52
C ALA D 201 1.65 21.54 4.66
N GLU D 202 2.34 20.63 5.31
CA GLU D 202 3.75 20.76 5.60
C GLU D 202 4.62 19.79 4.77
N LEU D 203 4.22 19.55 3.56
CA LEU D 203 5.03 18.74 2.66
C LEU D 203 6.49 19.24 2.53
N ASP D 204 6.74 20.55 2.69
CA ASP D 204 8.07 21.15 2.62
C ASP D 204 9.05 20.63 3.70
N THR D 205 8.50 20.02 4.76
CA THR D 205 9.26 19.40 5.85
C THR D 205 9.75 17.98 5.59
N LEU D 206 9.27 17.34 4.54
CA LEU D 206 9.62 15.96 4.25
C LEU D 206 11.02 15.88 3.65
N SER D 207 11.87 15.05 4.26
CA SER D 207 13.25 14.91 3.85
C SER D 207 13.37 13.86 2.78
N GLU D 208 14.47 13.91 2.05
CA GLU D 208 14.82 12.88 1.06
C GLU D 208 14.87 11.49 1.69
N GLU D 209 15.41 11.37 2.90
CA GLU D 209 15.53 10.07 3.60
C GLU D 209 14.19 9.36 3.78
N SER D 210 13.22 10.10 4.34
CA SER D 210 11.92 9.51 4.74
C SER D 210 10.78 9.76 3.73
N TYR D 211 11.11 10.38 2.59
CA TYR D 211 10.14 10.79 1.57
C TYR D 211 9.19 9.72 1.08
N LYS D 212 9.75 8.57 0.70
CA LYS D 212 8.97 7.47 0.15
C LYS D 212 8.13 6.79 1.21
N ASP D 213 8.72 6.54 2.37
CA ASP D 213 7.96 5.97 3.45
C ASP D 213 6.81 6.92 3.84
N SER D 214 7.06 8.22 3.96
CA SER D 214 5.98 9.16 4.46
C SER D 214 4.81 9.15 3.51
N THR D 215 5.13 9.20 2.22
CA THR D 215 4.12 9.39 1.17
C THR D 215 3.31 8.13 1.05
N LEU D 216 3.96 6.97 1.21
CA LEU D 216 3.26 5.69 1.35
C LEU D 216 2.30 5.64 2.49
N ILE D 217 2.72 6.04 3.65
CA ILE D 217 1.73 6.08 4.76
C ILE D 217 0.58 7.07 4.50
N MET D 218 0.91 8.23 3.95
CA MET D 218 -0.12 9.16 3.55
C MET D 218 -1.16 8.46 2.62
N GLN D 219 -0.68 7.68 1.65
CA GLN D 219 -1.59 6.95 0.80
C GLN D 219 -2.43 5.93 1.56
N LEU D 220 -1.86 5.28 2.56
CA LEU D 220 -2.63 4.35 3.36
C LEU D 220 -3.71 5.09 4.17
N LEU D 221 -3.40 6.25 4.73
CA LEU D 221 -4.40 7.07 5.41
C LEU D 221 -5.57 7.39 4.42
N ARG D 222 -5.22 7.86 3.23
CA ARG D 222 -6.21 8.15 2.20
C ARG D 222 -7.04 6.92 1.90
N ASP D 223 -6.36 5.77 1.69
CA ASP D 223 -7.00 4.49 1.43
C ASP D 223 -8.04 4.11 2.49
N ASN D 224 -7.65 4.18 3.77
CA ASN D 224 -8.55 3.85 4.85
C ASN D 224 -9.74 4.87 4.92
N LEU D 225 -9.46 6.14 4.74
CA LEU D 225 -10.55 7.14 4.77
C LEU D 225 -11.60 6.90 3.66
N THR D 226 -11.12 6.61 2.46
CA THR D 226 -12.00 6.19 1.32
C THR D 226 -12.83 4.97 1.72
N LEU D 227 -12.17 3.89 2.15
CA LEU D 227 -12.86 2.70 2.53
C LEU D 227 -13.97 3.00 3.55
N TRP D 228 -13.60 3.78 4.56
CA TRP D 228 -14.49 4.06 5.67
C TRP D 228 -15.60 5.04 5.34
N THR D 229 -15.49 5.77 4.25
CA THR D 229 -16.58 6.68 3.86
C THR D 229 -17.28 6.16 2.60
N SER D 230 -16.75 5.10 2.00
CA SER D 230 -17.44 4.30 0.96
C SER D 230 -18.67 3.54 1.56
N MET E 1 -6.84 -43.12 13.78
CA MET E 1 -6.76 -41.72 13.21
C MET E 1 -7.65 -41.58 11.97
N ASP E 2 -8.88 -41.05 12.14
CA ASP E 2 -9.93 -41.01 11.08
C ASP E 2 -9.50 -40.27 9.79
N LYS E 3 -9.32 -41.02 8.70
CA LYS E 3 -8.91 -40.47 7.40
C LYS E 3 -9.73 -39.27 6.94
N ASN E 4 -11.07 -39.37 7.04
CA ASN E 4 -11.98 -38.28 6.68
C ASN E 4 -11.69 -37.07 7.56
N GLU E 5 -11.39 -37.30 8.83
CA GLU E 5 -11.06 -36.18 9.75
C GLU E 5 -9.74 -35.52 9.37
N LEU E 6 -8.70 -36.32 9.12
CA LEU E 6 -7.38 -35.82 8.70
C LEU E 6 -7.44 -35.03 7.41
N VAL E 7 -8.27 -35.47 6.47
CA VAL E 7 -8.44 -34.74 5.20
C VAL E 7 -9.12 -33.40 5.45
N GLN E 8 -10.17 -33.40 6.28
CA GLN E 8 -10.83 -32.14 6.63
C GLN E 8 -9.84 -31.19 7.34
N LYS E 9 -9.02 -31.69 8.27
CA LYS E 9 -7.96 -30.85 8.85
C LYS E 9 -6.95 -30.34 7.82
N ALA E 10 -6.64 -31.16 6.83
CA ALA E 10 -5.71 -30.77 5.73
C ALA E 10 -6.26 -29.58 4.92
N LYS E 11 -7.54 -29.69 4.58
CA LYS E 11 -8.28 -28.65 3.87
C LYS E 11 -8.32 -27.36 4.67
N LEU E 12 -8.52 -27.47 5.98
CA LEU E 12 -8.53 -26.29 6.85
C LEU E 12 -7.13 -25.64 6.94
N ALA E 13 -6.11 -26.45 7.16
CA ALA E 13 -4.74 -25.97 7.12
C ALA E 13 -4.38 -25.32 5.76
N GLU E 14 -4.90 -25.85 4.65
CA GLU E 14 -4.53 -25.23 3.34
C GLU E 14 -5.09 -23.79 3.20
N GLN E 15 -6.35 -23.65 3.56
CA GLN E 15 -7.02 -22.35 3.63
C GLN E 15 -6.28 -21.31 4.50
N ALA E 16 -5.74 -21.79 5.60
CA ALA E 16 -5.01 -20.95 6.56
C ALA E 16 -3.51 -20.82 6.22
N GLU E 17 -3.07 -21.47 5.15
CA GLU E 17 -1.71 -21.39 4.64
C GLU E 17 -0.70 -21.90 5.62
N ARG E 18 -1.11 -22.92 6.41
CA ARG E 18 -0.26 -23.58 7.35
C ARG E 18 0.14 -24.90 6.71
N TYR E 19 1.09 -24.83 5.77
CA TYR E 19 1.45 -26.03 4.97
C TYR E 19 2.21 -27.12 5.71
N ASP E 20 3.00 -26.77 6.73
CA ASP E 20 3.59 -27.83 7.58
C ASP E 20 2.49 -28.63 8.25
N ASP E 21 1.48 -27.92 8.78
CA ASP E 21 0.30 -28.60 9.32
C ASP E 21 -0.37 -29.45 8.27
N MET E 22 -0.61 -28.88 7.09
CA MET E 22 -1.23 -29.62 6.02
C MET E 22 -0.42 -30.87 5.63
N ALA E 23 0.90 -30.76 5.48
CA ALA E 23 1.68 -31.95 5.16
C ALA E 23 1.60 -33.06 6.25
N ALA E 24 1.69 -32.68 7.53
CA ALA E 24 1.58 -33.67 8.65
C ALA E 24 0.27 -34.47 8.49
N CYS E 25 -0.82 -33.77 8.20
CA CYS E 25 -2.10 -34.42 7.96
C CYS E 25 -1.98 -35.40 6.83
N MET E 26 -1.46 -34.99 5.66
CA MET E 26 -1.52 -35.85 4.48
C MET E 26 -0.49 -36.96 4.55
N LYS E 27 0.61 -36.73 5.30
CA LYS E 27 1.51 -37.80 5.65
C LYS E 27 0.78 -38.89 6.44
N SER E 28 -0.01 -38.50 7.43
CA SER E 28 -0.73 -39.44 8.25
C SER E 28 -1.79 -40.18 7.44
N VAL E 29 -2.51 -39.50 6.55
CA VAL E 29 -3.42 -40.21 5.59
C VAL E 29 -2.72 -41.24 4.73
N THR E 30 -1.61 -40.85 4.11
CA THR E 30 -0.81 -41.72 3.27
C THR E 30 -0.34 -42.95 4.04
N GLU E 31 0.14 -42.74 5.25
CA GLU E 31 0.66 -43.86 6.09
C GLU E 31 -0.41 -44.88 6.52
N GLN E 32 -1.68 -44.51 6.42
CA GLN E 32 -2.78 -45.49 6.62
C GLN E 32 -2.81 -46.59 5.52
N GLY E 33 -2.22 -46.33 4.37
CA GLY E 33 -1.91 -47.36 3.40
C GLY E 33 -3.04 -47.63 2.43
N ALA E 34 -4.15 -46.92 2.55
CA ALA E 34 -5.25 -46.98 1.58
C ALA E 34 -4.90 -46.07 0.41
N GLU E 35 -5.28 -46.49 -0.80
CA GLU E 35 -4.95 -45.76 -2.03
C GLU E 35 -5.54 -44.37 -1.97
N LEU E 36 -4.84 -43.32 -2.44
CA LEU E 36 -5.41 -42.00 -2.29
C LEU E 36 -6.46 -41.64 -3.39
N SER E 37 -7.49 -40.92 -3.02
CA SER E 37 -8.36 -40.28 -4.02
C SER E 37 -7.61 -39.16 -4.80
N ASN E 38 -8.17 -38.73 -5.96
CA ASN E 38 -7.65 -37.63 -6.76
C ASN E 38 -7.55 -36.35 -5.92
N GLU E 39 -8.56 -36.10 -5.10
CA GLU E 39 -8.53 -34.93 -4.20
C GLU E 39 -7.39 -35.06 -3.15
N GLU E 40 -7.22 -36.28 -2.63
CA GLU E 40 -6.22 -36.54 -1.62
C GLU E 40 -4.82 -36.42 -2.16
N ARG E 41 -4.56 -37.00 -3.34
CA ARG E 41 -3.25 -36.85 -3.94
C ARG E 41 -2.94 -35.41 -4.18
N ASN E 42 -3.92 -34.62 -4.64
CA ASN E 42 -3.68 -33.21 -4.86
C ASN E 42 -3.29 -32.45 -3.57
N LEU E 43 -4.00 -32.74 -2.47
CA LEU E 43 -3.73 -32.15 -1.17
C LEU E 43 -2.33 -32.50 -0.74
N LEU E 44 -1.95 -33.77 -0.90
CA LEU E 44 -0.60 -34.20 -0.57
C LEU E 44 0.44 -33.36 -1.32
N SER E 45 0.21 -33.25 -2.63
CA SER E 45 1.15 -32.59 -3.53
C SER E 45 1.26 -31.10 -3.19
N VAL E 46 0.10 -30.46 -2.96
CA VAL E 46 0.12 -29.03 -2.71
C VAL E 46 0.86 -28.77 -1.40
N ALA E 47 0.54 -29.58 -0.38
CA ALA E 47 1.17 -29.42 0.91
C ALA E 47 2.68 -29.51 0.80
N TYR E 48 3.17 -30.60 0.28
CA TYR E 48 4.64 -30.76 0.17
C TYR E 48 5.30 -29.83 -0.79
N LYS E 49 4.67 -29.52 -1.94
CA LYS E 49 5.25 -28.49 -2.80
C LYS E 49 5.49 -27.14 -2.03
N ASN E 50 4.50 -26.74 -1.23
CA ASN E 50 4.59 -25.52 -0.43
C ASN E 50 5.62 -25.56 0.66
N VAL E 51 5.69 -26.68 1.39
CA VAL E 51 6.69 -26.92 2.43
C VAL E 51 8.14 -26.93 1.82
N VAL E 52 8.40 -27.77 0.83
CA VAL E 52 9.73 -27.78 0.22
C VAL E 52 10.03 -26.43 -0.45
N GLY E 53 9.02 -25.87 -1.09
CA GLY E 53 9.20 -24.55 -1.81
C GLY E 53 9.69 -23.46 -0.85
N ALA E 54 9.21 -23.49 0.39
CA ALA E 54 9.71 -22.55 1.38
C ALA E 54 11.24 -22.63 1.58
N ARG E 55 11.77 -23.85 1.72
CA ARG E 55 13.22 -24.07 1.97
C ARG E 55 14.00 -23.83 0.71
N ARG E 56 13.44 -24.24 -0.41
CA ARG E 56 14.06 -24.10 -1.72
C ARG E 56 14.21 -22.63 -2.08
N SER E 57 13.18 -21.83 -1.82
CA SER E 57 13.35 -20.38 -1.89
C SER E 57 14.45 -19.86 -0.92
N SER E 58 14.42 -20.24 0.35
CA SER E 58 15.38 -19.70 1.31
C SER E 58 16.78 -20.22 0.94
N TRP E 59 16.87 -21.50 0.60
CA TRP E 59 18.14 -22.10 0.13
C TRP E 59 18.76 -21.28 -0.98
N ARG E 60 17.95 -20.97 -1.99
CA ARG E 60 18.44 -20.18 -3.14
C ARG E 60 18.96 -18.81 -2.72
N VAL E 61 18.24 -18.12 -1.83
CA VAL E 61 18.68 -16.83 -1.33
C VAL E 61 19.98 -16.92 -0.53
N VAL E 62 20.08 -17.87 0.40
CA VAL E 62 21.28 -18.00 1.25
C VAL E 62 22.51 -18.53 0.44
N SER E 63 22.28 -19.46 -0.46
CA SER E 63 23.36 -19.90 -1.37
C SER E 63 23.92 -18.74 -2.23
N SER E 64 23.04 -17.91 -2.76
CA SER E 64 23.49 -16.76 -3.53
C SER E 64 24.32 -15.79 -2.66
N ILE E 65 23.87 -15.50 -1.44
CA ILE E 65 24.59 -14.58 -0.53
C ILE E 65 25.94 -15.17 -0.11
N GLU E 66 25.97 -16.47 0.16
CA GLU E 66 27.18 -17.20 0.47
C GLU E 66 28.15 -17.04 -0.72
N GLN E 67 27.67 -17.21 -1.94
CA GLN E 67 28.56 -17.14 -3.11
C GLN E 67 29.07 -15.71 -3.46
N LYS E 68 28.61 -14.65 -2.74
CA LYS E 68 29.01 -13.26 -3.00
C LYS E 68 29.79 -12.49 -1.88
N THR E 69 30.89 -13.02 -1.34
CA THR E 69 31.85 -12.15 -0.56
C THR E 69 33.33 -12.22 -1.04
N GLU E 73 34.67 -10.56 5.46
CA GLU E 73 34.81 -11.98 5.17
C GLU E 73 33.85 -12.88 6.00
N LYS E 74 33.70 -12.62 7.29
CA LYS E 74 32.99 -13.55 8.21
C LYS E 74 31.45 -13.71 7.99
N LYS E 75 30.85 -12.88 7.14
CA LYS E 75 29.49 -13.12 6.69
C LYS E 75 29.51 -14.46 5.99
N GLN E 76 30.40 -14.58 5.00
CA GLN E 76 30.70 -15.85 4.34
C GLN E 76 31.35 -16.77 5.36
N GLN E 77 30.54 -17.68 5.89
CA GLN E 77 30.85 -18.53 7.05
C GLN E 77 29.53 -18.70 7.75
N MET E 78 28.96 -17.56 8.15
CA MET E 78 27.65 -17.51 8.76
C MET E 78 26.67 -17.90 7.67
N ALA E 79 26.85 -17.33 6.48
CA ALA E 79 26.01 -17.68 5.36
C ALA E 79 26.16 -19.16 4.92
N ARG E 80 27.40 -19.67 4.94
CA ARG E 80 27.62 -21.08 4.58
C ARG E 80 26.89 -21.96 5.59
N GLU E 81 27.02 -21.65 6.85
CA GLU E 81 26.47 -22.50 7.89
C GLU E 81 24.95 -22.38 7.89
N TYR E 82 24.48 -21.17 7.66
CA TYR E 82 23.07 -21.03 7.54
C TYR E 82 22.52 -21.83 6.37
N ARG E 83 23.14 -21.73 5.19
CA ARG E 83 22.76 -22.52 4.01
C ARG E 83 22.69 -24.02 4.29
N GLU E 84 23.66 -24.52 5.05
CA GLU E 84 23.69 -25.95 5.40
C GLU E 84 22.53 -26.30 6.33
N LYS E 85 22.19 -25.42 7.26
CA LYS E 85 21.01 -25.69 8.14
C LYS E 85 19.74 -25.79 7.29
N ILE E 86 19.53 -24.83 6.39
CA ILE E 86 18.36 -24.82 5.48
C ILE E 86 18.34 -26.04 4.59
N GLU E 87 19.52 -26.40 4.11
CA GLU E 87 19.66 -27.51 3.20
C GLU E 87 19.32 -28.82 3.91
N THR E 88 19.75 -28.98 5.16
CA THR E 88 19.31 -30.18 5.93
C THR E 88 17.77 -30.24 6.07
N GLU E 89 17.09 -29.10 6.20
CA GLU E 89 15.65 -29.10 6.33
C GLU E 89 15.05 -29.52 5.01
N LEU E 90 15.61 -29.01 3.93
CA LEU E 90 15.12 -29.27 2.55
C LEU E 90 15.23 -30.74 2.20
N ARG E 91 16.42 -31.29 2.47
CA ARG E 91 16.67 -32.71 2.27
C ARG E 91 15.78 -33.63 3.13
N ASP E 92 15.54 -33.25 4.39
CA ASP E 92 14.65 -34.04 5.25
C ASP E 92 13.22 -34.03 4.77
N ILE E 93 12.76 -32.91 4.18
CA ILE E 93 11.43 -32.89 3.52
C ILE E 93 11.42 -33.77 2.28
N CYS E 94 12.44 -33.65 1.45
CA CYS E 94 12.47 -34.46 0.22
C CYS E 94 12.49 -35.96 0.55
N ASN E 95 13.24 -36.29 1.56
CA ASN E 95 13.44 -37.69 1.92
C ASN E 95 12.14 -38.28 2.40
N ASP E 96 11.41 -37.53 3.23
CA ASP E 96 10.12 -37.94 3.72
C ASP E 96 9.12 -38.17 2.61
N VAL E 97 9.06 -37.22 1.67
CA VAL E 97 8.28 -37.41 0.46
C VAL E 97 8.68 -38.61 -0.41
N LEU E 98 9.95 -38.73 -0.72
CA LEU E 98 10.49 -39.88 -1.39
C LEU E 98 10.16 -41.19 -0.65
N SER E 99 10.18 -41.19 0.68
CA SER E 99 9.85 -42.40 1.47
C SER E 99 8.36 -42.78 1.36
N LEU E 100 7.49 -41.76 1.43
CA LEU E 100 6.06 -41.99 1.25
C LEU E 100 5.74 -42.59 -0.14
N LEU E 101 6.44 -42.10 -1.15
CA LEU E 101 6.24 -42.55 -2.51
C LEU E 101 6.70 -44.02 -2.70
N GLU E 102 7.93 -44.33 -2.20
CA GLU E 102 8.51 -45.69 -2.21
C GLU E 102 7.74 -46.67 -1.34
N LYS E 103 7.29 -46.23 -0.16
CA LYS E 103 6.63 -47.16 0.77
C LYS E 103 5.15 -47.46 0.53
N PHE E 104 4.39 -46.44 0.19
CA PHE E 104 2.95 -46.56 0.09
C PHE E 104 2.48 -46.18 -1.29
N LEU E 105 2.78 -44.97 -1.75
CA LEU E 105 2.05 -44.41 -2.91
C LEU E 105 2.33 -45.21 -4.20
N ILE E 106 3.60 -45.29 -4.62
CA ILE E 106 3.95 -45.99 -5.86
C ILE E 106 3.53 -47.49 -5.85
N PRO E 107 3.93 -48.25 -4.83
CA PRO E 107 3.59 -49.72 -4.91
C PRO E 107 2.11 -50.05 -4.77
N ASN E 108 1.28 -49.10 -4.36
CA ASN E 108 -0.17 -49.32 -4.35
C ASN E 108 -0.90 -48.62 -5.51
N ALA E 109 -0.19 -48.01 -6.46
CA ALA E 109 -0.78 -46.96 -7.30
C ALA E 109 -1.97 -47.44 -8.11
N SER E 110 -1.87 -48.62 -8.75
CA SER E 110 -3.07 -49.31 -9.33
C SER E 110 -3.44 -49.00 -10.81
N GLN E 111 -3.63 -47.71 -11.11
CA GLN E 111 -3.98 -47.23 -12.46
C GLN E 111 -2.90 -46.29 -12.98
N ALA E 112 -2.80 -46.19 -14.29
CA ALA E 112 -1.77 -45.39 -14.97
C ALA E 112 -1.71 -43.95 -14.42
N GLU E 113 -2.90 -43.35 -14.29
CA GLU E 113 -3.09 -41.99 -13.79
C GLU E 113 -2.26 -41.67 -12.55
N SER E 114 -2.56 -42.31 -11.44
CA SER E 114 -1.80 -42.06 -10.22
C SER E 114 -0.35 -42.56 -10.33
N LYS E 115 -0.11 -43.70 -10.99
CA LYS E 115 1.25 -44.22 -11.09
C LYS E 115 2.13 -43.18 -11.78
N VAL E 116 1.68 -42.60 -12.88
CA VAL E 116 2.43 -41.54 -13.52
C VAL E 116 2.59 -40.30 -12.63
N PHE E 117 1.50 -39.87 -12.00
CA PHE E 117 1.48 -38.77 -11.02
C PHE E 117 2.57 -38.95 -9.96
N TYR E 118 2.61 -40.15 -9.38
CA TYR E 118 3.61 -40.48 -8.37
C TYR E 118 5.03 -40.67 -8.85
N LEU E 119 5.29 -41.39 -9.95
CA LEU E 119 6.64 -41.43 -10.52
C LEU E 119 7.18 -40.05 -10.98
N LYS E 120 6.27 -39.23 -11.51
CA LYS E 120 6.62 -37.81 -11.74
C LYS E 120 7.07 -37.14 -10.43
N MET E 121 6.31 -37.33 -9.36
CA MET E 121 6.65 -36.71 -8.03
C MET E 121 8.02 -37.13 -7.55
N LYS E 122 8.32 -38.39 -7.82
CA LYS E 122 9.55 -39.00 -7.38
C LYS E 122 10.71 -38.41 -8.17
N GLY E 123 10.52 -38.21 -9.46
CA GLY E 123 11.46 -37.45 -10.23
C GLY E 123 11.60 -36.02 -9.74
N ASP E 124 10.51 -35.34 -9.43
CA ASP E 124 10.53 -33.94 -8.89
C ASP E 124 11.30 -33.80 -7.57
N TYR E 125 11.00 -34.68 -6.60
CA TYR E 125 11.70 -34.60 -5.31
C TYR E 125 13.16 -35.04 -5.43
N TYR E 126 13.50 -35.98 -6.35
CA TYR E 126 14.96 -36.27 -6.51
C TYR E 126 15.66 -35.13 -7.21
N ARG E 127 14.92 -34.49 -8.14
CA ARG E 127 15.41 -33.29 -8.80
C ARG E 127 15.65 -32.17 -7.76
N TYR E 128 14.75 -32.01 -6.78
CA TYR E 128 15.01 -30.97 -5.76
C TYR E 128 16.22 -31.27 -4.91
N LEU E 129 16.48 -32.55 -4.62
CA LEU E 129 17.74 -32.95 -3.99
C LEU E 129 18.96 -32.63 -4.85
N ALA E 130 18.86 -32.92 -6.13
CA ALA E 130 19.92 -32.67 -7.11
C ALA E 130 20.32 -31.21 -7.22
N GLU E 131 19.37 -30.29 -7.03
CA GLU E 131 19.69 -28.88 -6.99
C GLU E 131 20.69 -28.48 -5.93
N VAL E 132 20.67 -29.19 -4.81
CA VAL E 132 21.47 -28.83 -3.68
C VAL E 132 22.62 -29.84 -3.47
N ALA E 133 22.58 -30.97 -4.17
CA ALA E 133 23.59 -32.05 -4.05
C ALA E 133 25.01 -31.53 -4.24
N LYS E 139 25.39 -36.24 -7.69
CA LYS E 139 25.68 -37.69 -7.77
C LYS E 139 24.36 -38.41 -8.02
N GLY E 140 24.42 -39.73 -8.32
CA GLY E 140 23.37 -40.76 -7.94
C GLY E 140 21.91 -40.37 -7.63
N ILE E 141 21.78 -39.23 -7.00
CA ILE E 141 20.49 -38.51 -6.91
C ILE E 141 19.98 -38.18 -8.32
N VAL E 142 20.86 -37.61 -9.14
CA VAL E 142 20.55 -37.26 -10.51
C VAL E 142 20.00 -38.45 -11.23
N ASP E 143 20.65 -39.62 -11.02
CA ASP E 143 20.26 -40.89 -11.64
C ASP E 143 18.89 -41.39 -11.23
N GLN E 144 18.57 -41.24 -9.94
CA GLN E 144 17.22 -41.62 -9.45
C GLN E 144 16.10 -40.74 -10.08
N SER E 145 16.37 -39.45 -10.16
CA SER E 145 15.42 -38.51 -10.80
C SER E 145 15.10 -38.93 -12.22
N GLN E 146 16.16 -39.10 -13.00
CA GLN E 146 16.05 -39.52 -14.37
C GLN E 146 15.27 -40.83 -14.58
N GLN E 147 15.59 -41.84 -13.78
CA GLN E 147 14.93 -43.14 -13.88
C GLN E 147 13.43 -43.03 -13.57
N ALA E 148 13.07 -42.17 -12.59
CA ALA E 148 11.68 -41.99 -12.20
C ALA E 148 10.91 -41.24 -13.30
N TYR E 149 11.49 -40.18 -13.82
CA TYR E 149 10.85 -39.52 -14.94
C TYR E 149 10.71 -40.46 -16.16
N GLN E 150 11.74 -41.27 -16.41
CA GLN E 150 11.76 -42.13 -17.60
C GLN E 150 10.62 -43.14 -17.52
N GLU E 151 10.42 -43.76 -16.36
CA GLU E 151 9.36 -44.77 -16.18
C GLU E 151 7.98 -44.11 -16.34
N ALA E 152 7.78 -43.01 -15.68
CA ALA E 152 6.52 -42.25 -15.84
C ALA E 152 6.32 -41.92 -17.33
N PHE E 153 7.38 -41.47 -17.98
CA PHE E 153 7.31 -41.05 -19.38
C PHE E 153 6.83 -42.19 -20.28
N GLU E 154 7.43 -43.36 -20.06
CA GLU E 154 7.09 -44.57 -20.86
C GLU E 154 5.65 -45.00 -20.62
N ILE E 155 5.25 -45.03 -19.36
CA ILE E 155 3.88 -45.37 -18.99
C ILE E 155 2.89 -44.38 -19.57
N SER E 156 3.19 -43.09 -19.52
CA SER E 156 2.26 -42.09 -20.03
C SER E 156 2.07 -42.13 -21.54
N LYS E 157 3.18 -42.37 -22.24
CA LYS E 157 3.20 -42.52 -23.69
C LYS E 157 2.32 -43.70 -24.14
N LYS E 158 2.28 -44.77 -23.35
CA LYS E 158 1.51 -45.99 -23.71
C LYS E 158 0.03 -45.84 -23.38
N GLU E 159 -0.28 -45.24 -22.24
CA GLU E 159 -1.63 -45.32 -21.67
C GLU E 159 -2.31 -44.00 -21.41
N MET E 160 -1.77 -42.89 -21.91
CA MET E 160 -2.48 -41.61 -21.76
C MET E 160 -2.54 -40.86 -23.11
N GLN E 161 -3.63 -40.12 -23.31
CA GLN E 161 -3.73 -39.16 -24.39
C GLN E 161 -2.62 -38.10 -24.29
N PRO E 162 -2.14 -37.59 -25.46
CA PRO E 162 -1.08 -36.59 -25.49
C PRO E 162 -1.49 -35.25 -24.87
N THR E 163 -2.81 -35.05 -24.71
CA THR E 163 -3.42 -33.91 -24.05
C THR E 163 -3.65 -34.05 -22.53
N HIS E 164 -3.47 -35.25 -21.97
CA HIS E 164 -3.78 -35.50 -20.56
C HIS E 164 -2.83 -34.65 -19.70
N PRO E 165 -3.36 -33.80 -18.83
CA PRO E 165 -2.52 -32.83 -18.08
C PRO E 165 -1.34 -33.43 -17.31
N ILE E 166 -1.51 -34.63 -16.74
CA ILE E 166 -0.39 -35.24 -16.00
C ILE E 166 0.65 -35.75 -16.95
N ARG E 167 0.23 -36.20 -18.12
CA ARG E 167 1.19 -36.53 -19.16
C ARG E 167 1.96 -35.29 -19.59
N LEU E 168 1.27 -34.17 -19.74
CA LEU E 168 1.97 -32.96 -20.13
C LEU E 168 2.88 -32.37 -19.01
N GLY E 169 2.39 -32.44 -17.80
CA GLY E 169 3.15 -31.90 -16.67
C GLY E 169 4.40 -32.71 -16.43
N LEU E 170 4.34 -34.03 -16.74
CA LEU E 170 5.51 -34.93 -16.72
C LEU E 170 6.57 -34.56 -17.73
N ALA E 171 6.13 -34.32 -18.97
CA ALA E 171 7.01 -33.90 -20.06
C ALA E 171 7.60 -32.57 -19.70
N LEU E 172 6.74 -31.68 -19.21
CA LEU E 172 7.24 -30.39 -18.65
C LEU E 172 8.42 -30.52 -17.68
N ASN E 173 8.27 -31.32 -16.61
CA ASN E 173 9.28 -31.39 -15.55
C ASN E 173 10.50 -32.19 -16.01
N PHE E 174 10.25 -33.18 -16.85
CA PHE E 174 11.37 -33.96 -17.39
C PHE E 174 12.25 -33.08 -18.30
N SER E 175 11.65 -32.25 -19.16
CA SER E 175 12.45 -31.28 -19.93
C SER E 175 13.22 -30.34 -19.04
N VAL E 176 12.62 -29.89 -17.94
CA VAL E 176 13.31 -29.06 -16.96
C VAL E 176 14.49 -29.83 -16.36
N PHE E 177 14.24 -31.08 -15.97
CA PHE E 177 15.34 -31.95 -15.45
C PHE E 177 16.53 -31.93 -16.41
N TYR E 178 16.24 -32.05 -17.68
CA TYR E 178 17.32 -32.14 -18.70
C TYR E 178 17.98 -30.79 -18.87
N TYR E 179 17.20 -29.69 -18.83
CA TYR E 179 17.79 -28.38 -19.03
C TYR E 179 18.67 -27.98 -17.86
N GLU E 180 18.07 -27.98 -16.68
CA GLU E 180 18.71 -27.42 -15.50
C GLU E 180 19.57 -28.41 -14.74
N ILE E 181 19.23 -29.69 -14.71
CA ILE E 181 20.05 -30.61 -13.94
C ILE E 181 21.13 -31.30 -14.78
N LEU E 182 20.77 -31.75 -15.97
CA LEU E 182 21.75 -32.42 -16.86
C LEU E 182 22.40 -31.50 -17.89
N ASN E 183 22.00 -30.23 -17.94
CA ASN E 183 22.63 -29.26 -18.81
C ASN E 183 22.62 -29.71 -20.27
N SER E 184 21.50 -30.33 -20.67
CA SER E 184 21.26 -30.87 -22.02
C SER E 184 20.11 -30.11 -22.70
N PRO E 185 20.42 -28.91 -23.25
CA PRO E 185 19.34 -28.04 -23.73
C PRO E 185 18.56 -28.64 -24.92
N GLU E 186 19.30 -29.27 -25.82
CA GLU E 186 18.72 -29.91 -27.04
C GLU E 186 17.68 -30.96 -26.69
N LYS E 187 18.04 -31.88 -25.80
CA LYS E 187 17.14 -32.95 -25.46
C LYS E 187 15.91 -32.32 -24.74
N ALA E 188 16.17 -31.39 -23.80
CA ALA E 188 15.09 -30.68 -23.09
C ALA E 188 14.10 -29.97 -24.05
N CYS E 189 14.65 -29.32 -25.06
CA CYS E 189 13.81 -28.64 -26.05
C CYS E 189 12.97 -29.61 -26.84
N SER E 190 13.62 -30.71 -27.22
CA SER E 190 13.01 -31.75 -28.01
C SER E 190 11.88 -32.43 -27.28
N LEU E 191 12.15 -32.83 -26.05
CA LEU E 191 11.11 -33.40 -25.17
C LEU E 191 9.91 -32.46 -25.04
N ALA E 192 10.18 -31.18 -24.74
CA ALA E 192 9.11 -30.16 -24.57
C ALA E 192 8.28 -29.92 -25.86
N LYS E 193 8.98 -29.73 -26.98
CA LYS E 193 8.32 -29.50 -28.27
C LYS E 193 7.44 -30.64 -28.74
N THR E 194 7.93 -31.87 -28.61
CA THR E 194 7.21 -33.12 -29.04
C THR E 194 5.94 -33.23 -28.22
N ALA E 195 6.06 -33.03 -26.91
CA ALA E 195 4.88 -33.08 -26.03
C ALA E 195 3.87 -32.04 -26.42
N PHE E 196 4.37 -30.82 -26.61
CA PHE E 196 3.53 -29.70 -27.01
C PHE E 196 2.87 -29.96 -28.40
N ASP E 197 3.67 -30.29 -29.39
CA ASP E 197 3.12 -30.50 -30.77
C ASP E 197 2.10 -31.62 -30.78
N GLU E 198 2.37 -32.70 -30.06
CA GLU E 198 1.43 -33.84 -30.01
C GLU E 198 0.06 -33.52 -29.30
N ALA E 199 0.12 -32.62 -28.32
CA ALA E 199 -1.07 -32.19 -27.63
C ALA E 199 -1.89 -31.33 -28.59
N ILE E 200 -1.18 -30.43 -29.29
CA ILE E 200 -1.78 -29.40 -30.13
C ILE E 200 -2.54 -30.12 -31.27
N ALA E 201 -1.90 -31.13 -31.85
CA ALA E 201 -2.53 -32.00 -32.86
C ALA E 201 -3.90 -32.61 -32.49
N GLU E 202 -4.06 -33.02 -31.24
CA GLU E 202 -5.28 -33.67 -30.79
C GLU E 202 -6.21 -32.75 -29.97
N LEU E 203 -6.03 -31.42 -30.01
CA LEU E 203 -6.86 -30.52 -29.15
C LEU E 203 -8.40 -30.57 -29.38
N ASP E 204 -8.90 -31.42 -30.29
CA ASP E 204 -10.31 -31.86 -30.30
C ASP E 204 -10.57 -32.90 -29.20
C SER E 210 -8.59 -29.70 -19.99
N TYR E 211 -9.17 -28.87 -20.86
CA TYR E 211 -8.49 -27.72 -21.51
C TYR E 211 -7.96 -26.66 -20.52
N LYS E 212 -8.61 -26.52 -19.36
CA LYS E 212 -8.12 -25.59 -18.35
C LYS E 212 -6.72 -26.06 -17.95
N ASP E 213 -6.62 -27.29 -17.45
CA ASP E 213 -5.33 -27.89 -17.04
C ASP E 213 -4.47 -28.36 -18.24
N SER E 214 -5.10 -28.83 -19.32
CA SER E 214 -4.39 -29.13 -20.57
C SER E 214 -3.64 -27.88 -21.02
N THR E 215 -4.37 -26.79 -21.29
CA THR E 215 -3.75 -25.60 -21.86
C THR E 215 -2.92 -24.80 -20.85
N LEU E 216 -3.26 -24.77 -19.56
CA LEU E 216 -2.34 -24.17 -18.54
C LEU E 216 -0.92 -24.74 -18.66
N ILE E 217 -0.82 -26.07 -18.75
CA ILE E 217 0.50 -26.74 -18.88
C ILE E 217 1.15 -26.52 -20.25
N MET E 218 0.36 -26.58 -21.33
CA MET E 218 0.94 -26.33 -22.64
C MET E 218 1.55 -24.95 -22.76
N GLN E 219 0.93 -23.96 -22.10
CA GLN E 219 1.49 -22.60 -22.05
C GLN E 219 2.93 -22.52 -21.43
N LEU E 220 3.10 -23.28 -20.34
CA LEU E 220 4.37 -23.43 -19.66
C LEU E 220 5.39 -24.10 -20.57
N LEU E 221 4.97 -25.15 -21.29
CA LEU E 221 5.79 -25.79 -22.30
C LEU E 221 6.13 -24.76 -23.30
N ARG E 222 5.13 -23.99 -23.75
CA ARG E 222 5.42 -22.95 -24.76
C ARG E 222 6.31 -21.87 -24.16
N ASP E 223 6.05 -21.49 -22.89
CA ASP E 223 6.85 -20.44 -22.25
C ASP E 223 8.32 -20.87 -22.13
N ASN E 224 8.62 -22.06 -21.64
CA ASN E 224 10.03 -22.54 -21.60
C ASN E 224 10.73 -22.65 -22.99
N LEU E 225 10.03 -23.28 -23.93
CA LEU E 225 10.52 -23.31 -25.30
C LEU E 225 10.90 -21.89 -25.84
N THR E 226 10.03 -20.90 -25.60
CA THR E 226 10.29 -19.49 -25.94
C THR E 226 11.53 -18.96 -25.20
N LEU E 227 11.65 -19.27 -23.91
CA LEU E 227 12.89 -18.93 -23.20
C LEU E 227 14.17 -19.54 -23.76
N TRP E 228 14.10 -20.85 -24.00
CA TRP E 228 15.24 -21.61 -24.43
C TRP E 228 15.61 -21.40 -25.92
N THR E 229 14.61 -21.03 -26.73
CA THR E 229 14.83 -20.80 -28.15
C THR E 229 14.63 -19.29 -28.48
N SER E 230 15.06 -18.42 -27.54
CA SER E 230 15.15 -16.96 -27.73
C SER E 230 16.55 -16.46 -27.30
N ARG F 2 -16.93 -2.81 6.38
CA ARG F 2 -16.63 -2.64 4.92
C ARG F 2 -15.61 -3.72 4.46
N ARG F 3 -14.33 -3.53 4.77
CA ARG F 3 -13.31 -4.59 4.69
C ARG F 3 -12.13 -4.18 5.57
N ARG F 4 -11.05 -4.96 5.59
CA ARG F 4 -10.02 -4.75 6.60
C ARG F 4 -9.12 -3.61 6.18
N PRO F 5 -8.88 -2.67 7.09
CA PRO F 5 -8.07 -1.49 6.76
C PRO F 5 -6.55 -1.78 6.69
N GLU F 6 -5.81 -0.84 6.14
CA GLU F 6 -4.35 -0.90 6.12
C GLU F 6 -3.71 -0.25 7.36
N SEP F 7 -2.61 -0.84 7.82
CA SEP F 7 -1.83 -0.28 8.93
CB SEP F 7 -1.99 -1.23 10.10
OG SEP F 7 -1.41 -2.55 9.90
C SEP F 7 -0.44 -0.12 8.45
O SEP F 7 -0.12 -0.47 7.31
P SEP F 7 -1.48 -3.70 11.05
O1P SEP F 7 -0.84 -4.89 10.34
O2P SEP F 7 -2.93 -3.97 11.40
O3P SEP F 7 -0.58 -3.03 12.07
N ALA F 8 0.44 0.34 9.35
CA ALA F 8 1.67 0.86 8.99
C ALA F 8 2.67 -0.20 8.60
N PRO F 9 3.53 0.10 7.61
CA PRO F 9 4.60 -0.83 7.33
C PRO F 9 5.50 -1.07 8.58
N ALA F 10 6.24 -2.16 8.58
CA ALA F 10 6.99 -2.63 9.76
C ALA F 10 8.22 -1.77 9.97
N GLU F 11 8.87 -1.41 8.85
CA GLU F 11 10.05 -0.55 8.86
C GLU F 11 9.58 0.90 8.67
N ARG G 3 15.79 -16.61 -16.14
CA ARG G 3 16.85 -17.62 -16.42
C ARG G 3 16.33 -19.02 -16.02
N ARG G 4 15.75 -19.20 -14.83
CA ARG G 4 15.12 -20.50 -14.50
C ARG G 4 13.85 -20.75 -15.29
N PRO G 5 13.62 -22.01 -15.72
CA PRO G 5 12.33 -22.38 -16.31
C PRO G 5 11.19 -22.63 -15.30
N GLU G 6 9.99 -22.69 -15.85
CA GLU G 6 8.80 -23.06 -15.11
C GLU G 6 8.56 -24.55 -15.10
N SEP G 7 8.07 -25.05 -13.96
CA SEP G 7 7.76 -26.45 -13.80
CB SEP G 7 8.62 -27.05 -12.72
OG SEP G 7 8.40 -26.38 -11.49
C SEP G 7 6.29 -26.52 -13.51
O SEP G 7 5.62 -25.51 -13.38
P SEP G 7 9.32 -26.78 -10.25
O1P SEP G 7 10.75 -26.61 -10.76
O2P SEP G 7 8.94 -25.85 -9.09
O3P SEP G 7 8.88 -28.22 -9.94
N ALA G 8 5.77 -27.72 -13.38
CA ALA G 8 4.33 -27.99 -13.32
C ALA G 8 3.70 -27.48 -12.03
N PRO G 9 2.45 -27.02 -12.10
CA PRO G 9 1.79 -26.71 -10.82
C PRO G 9 1.69 -27.93 -9.90
N ALA G 10 1.55 -27.66 -8.60
CA ALA G 10 1.40 -28.73 -7.60
C ALA G 10 0.06 -29.44 -7.75
N ARG H 3 -12.32 -2.35 0.34
CA ARG H 3 -12.72 -3.54 -0.44
C ARG H 3 -12.42 -3.46 -1.95
N ARG H 4 -12.06 -2.29 -2.48
CA ARG H 4 -11.55 -2.22 -3.87
C ARG H 4 -10.10 -2.73 -3.78
N PRO H 5 -9.60 -3.37 -4.83
CA PRO H 5 -8.24 -3.93 -4.73
C PRO H 5 -7.13 -2.90 -5.02
N GLU H 6 -5.93 -3.28 -4.69
CA GLU H 6 -4.80 -2.43 -4.91
C GLU H 6 -4.20 -2.69 -6.30
N SEP H 7 -3.74 -1.64 -6.92
CA SEP H 7 -2.95 -1.78 -8.17
CB SEP H 7 -3.74 -1.14 -9.33
OG SEP H 7 -3.97 0.23 -9.03
C SEP H 7 -1.57 -1.22 -7.95
O SEP H 7 -1.23 -0.71 -6.88
P SEP H 7 -4.80 1.09 -10.10
O1P SEP H 7 -4.03 0.94 -11.43
O2P SEP H 7 -4.78 2.47 -9.54
O3P SEP H 7 -6.14 0.48 -10.11
N ALA H 8 -0.77 -1.31 -8.99
CA ALA H 8 0.66 -1.05 -8.87
C ALA H 8 0.97 0.41 -8.64
N PRO H 9 2.08 0.69 -7.93
CA PRO H 9 2.45 2.12 -7.86
C PRO H 9 2.81 2.72 -9.23
N ALA H 10 2.69 4.04 -9.34
CA ALA H 10 2.96 4.76 -10.56
C ALA H 10 4.38 4.57 -11.14
N GLU H 11 5.39 4.59 -10.29
CA GLU H 11 6.80 4.44 -10.73
C GLU H 11 7.42 3.06 -10.40
N SER H 12 8.44 2.68 -11.18
CA SER H 12 9.19 1.43 -11.03
C SER H 12 10.66 1.68 -10.69
OH2 1PE I . 4.24 27.33 -14.54
C12 1PE I . 4.70 28.71 -14.61
C22 1PE I . 6.07 28.92 -13.90
OH3 1PE I . 7.07 28.61 -14.82
C13 1PE I . 9.48 28.15 -15.15
C23 1PE I . 8.35 28.61 -14.19
OH4 1PE I . 8.89 27.51 -16.26
C14 1PE I . 9.32 26.05 -18.27
C24 1PE I . 9.81 26.59 -16.90
OH5 1PE I . 7.89 26.03 -18.30
C15 1PE I . 5.79 25.00 -19.02
C25 1PE I . 7.33 24.92 -19.05
OH6 1PE I . 5.36 24.02 -18.11
C16 1PE I . 3.54 23.26 -16.86
C26 1PE I . 4.03 23.60 -18.26
OH7 1PE I . 3.41 24.48 -16.10
#